data_3IL5
#
_entry.id   3IL5
#
_cell.length_a   66.586
_cell.length_b   84.973
_cell.length_c   114.390
_cell.angle_alpha   90.00
_cell.angle_beta   98.50
_cell.angle_gamma   90.00
#
_symmetry.space_group_name_H-M   'P 1 21 1'
#
loop_
_entity.id
_entity.type
_entity.pdbx_description
1 polymer '3-oxoacyl-[acyl-carrier-protein] synthase 3'
2 non-polymer '2-({[4-bromo-3-(diethylsulfamoyl)phenyl]carbonyl}amino)benzoic acid'
3 water water
#
_entity_poly.entity_id   1
_entity_poly.type   'polypeptide(L)'
_entity_poly.pdbx_seq_one_letter_code
;MGSSHHHHHHSSGLVPRGSHMKNYARISCTSRYVPENCVTNHQLSEMMDTSDEWIHSRTGISERRIVTQENTSDLCHQVA
KQLLEKSGKQASEIDFILVATVTPDFNMPSVACQVQGAIGATEAFAFDISAACSGFVYALSMAEKLVLSGRYQTGLVIGG
ETFSKMLDWTDRSTAVLFGDGAAGVLIEAAETPHFLNEKLQADGQRWAALTSGYTINESPFYQGHKQASKTLQMEGRSIF
DFAIKDVSQNILSLVTDETVDYLLLHQANVRIIDKIARKTKISREKFLTNMDKYGNTSAASIPILLDEAVENGTLILGSQ
QRVVLTGFGGGLTWGSLLLTLEF
;
_entity_poly.pdbx_strand_id   A,B,C,D
#
# COMPACT_ATOMS: atom_id res chain seq x y z
N LYS A 22 -46.15 11.59 -15.64
CA LYS A 22 -45.85 10.14 -15.59
C LYS A 22 -44.35 9.89 -15.80
N ASN A 23 -43.55 10.26 -14.82
CA ASN A 23 -42.10 10.26 -14.96
C ASN A 23 -41.39 9.67 -13.74
N TYR A 24 -42.11 8.82 -13.01
CA TYR A 24 -41.55 8.18 -11.83
C TYR A 24 -41.21 6.73 -12.13
N ALA A 25 -39.96 6.38 -11.89
CA ALA A 25 -39.51 5.01 -12.06
C ALA A 25 -40.22 4.12 -11.05
N ARG A 26 -40.50 2.89 -11.46
CA ARG A 26 -40.92 1.85 -10.53
C ARG A 26 -40.40 0.51 -11.03
N ILE A 27 -40.15 -0.41 -10.10
CA ILE A 27 -39.74 -1.76 -10.46
C ILE A 27 -40.97 -2.56 -10.90
N SER A 28 -40.98 -2.99 -12.15
CA SER A 28 -42.16 -3.64 -12.70
C SER A 28 -41.98 -5.14 -12.87
N CYS A 29 -40.72 -5.59 -12.84
CA CYS A 29 -40.46 -7.01 -12.98
C CYS A 29 -39.07 -7.35 -12.47
N THR A 30 -38.91 -8.58 -12.00
CA THR A 30 -37.63 -9.03 -11.48
C THR A 30 -37.29 -10.44 -11.97
N SER A 31 -36.01 -10.75 -12.03
CA SER A 31 -35.55 -12.07 -12.43
C SER A 31 -34.06 -12.27 -12.09
N ARG A 32 -33.62 -13.53 -12.09
CA ARG A 32 -32.26 -13.86 -11.68
C ARG A 32 -31.77 -15.08 -12.44
N TYR A 33 -30.45 -15.25 -12.52
CA TYR A 33 -29.85 -16.38 -13.21
C TYR A 33 -28.48 -16.70 -12.64
N VAL A 34 -28.26 -17.96 -12.29
CA VAL A 34 -26.95 -18.40 -11.82
C VAL A 34 -26.54 -19.65 -12.56
N PRO A 35 -25.23 -19.85 -12.74
CA PRO A 35 -24.76 -20.97 -13.56
C PRO A 35 -25.35 -22.25 -13.00
N GLU A 36 -25.27 -23.32 -13.77
CA GLU A 36 -25.81 -24.59 -13.32
C GLU A 36 -24.82 -25.29 -12.39
N ASN A 37 -23.55 -25.30 -12.78
CA ASN A 37 -22.49 -25.87 -11.96
C ASN A 37 -22.62 -25.40 -10.52
N CYS A 38 -22.65 -26.35 -9.60
CA CYS A 38 -22.86 -26.03 -8.19
C CYS A 38 -21.77 -26.65 -7.30
N VAL A 39 -21.03 -25.79 -6.60
CA VAL A 39 -19.92 -26.22 -5.77
C VAL A 39 -20.30 -26.17 -4.27
N THR A 40 -20.35 -27.33 -3.62
CA THR A 40 -20.70 -27.39 -2.21
C THR A 40 -19.45 -27.26 -1.34
N ASN A 41 -19.66 -26.84 -0.10
CA ASN A 41 -18.54 -26.75 0.82
C ASN A 41 -17.82 -28.08 0.76
N HIS A 42 -18.58 -29.17 0.82
CA HIS A 42 -17.96 -30.49 0.81
C HIS A 42 -16.88 -30.54 -0.26
N GLN A 43 -17.15 -29.93 -1.41
CA GLN A 43 -16.23 -29.99 -2.54
C GLN A 43 -15.01 -29.10 -2.35
N LEU A 44 -15.24 -27.83 -2.04
CA LEU A 44 -14.15 -26.90 -1.79
C LEU A 44 -13.26 -27.46 -0.71
N SER A 45 -13.85 -28.09 0.31
CA SER A 45 -13.08 -28.55 1.45
C SER A 45 -12.15 -29.69 1.04
N GLU A 46 -12.57 -30.50 0.08
CA GLU A 46 -11.67 -31.52 -0.44
C GLU A 46 -10.63 -30.80 -1.29
N MET A 47 -11.09 -29.82 -2.05
CA MET A 47 -10.24 -29.07 -2.96
C MET A 47 -9.17 -28.31 -2.19
N MET A 48 -9.60 -27.59 -1.16
CA MET A 48 -8.73 -26.66 -0.49
C MET A 48 -8.07 -27.30 0.70
N ASP A 49 -8.38 -28.57 0.92
CA ASP A 49 -7.78 -29.32 2.01
C ASP A 49 -8.18 -28.71 3.35
N THR A 50 -9.49 -28.69 3.62
CA THR A 50 -9.98 -28.33 4.94
C THR A 50 -11.33 -29.00 5.17
N SER A 51 -12.01 -28.63 6.25
CA SER A 51 -13.24 -29.32 6.65
C SER A 51 -14.49 -28.63 6.13
N ASP A 52 -15.60 -29.36 6.15
CA ASP A 52 -16.92 -28.81 5.78
C ASP A 52 -17.27 -27.70 6.75
N GLU A 53 -17.07 -27.96 8.04
CA GLU A 53 -17.48 -27.05 9.09
C GLU A 53 -16.62 -25.79 9.16
N TRP A 54 -15.31 -25.92 8.93
CA TRP A 54 -14.47 -24.73 8.84
C TRP A 54 -15.09 -23.73 7.87
N ILE A 55 -15.25 -24.14 6.61
CA ILE A 55 -15.86 -23.29 5.60
C ILE A 55 -17.18 -22.67 6.06
N HIS A 56 -18.04 -23.51 6.63
CA HIS A 56 -19.39 -23.07 6.97
C HIS A 56 -19.40 -22.09 8.11
N SER A 57 -18.55 -22.32 9.11
CA SER A 57 -18.56 -21.51 10.30
C SER A 57 -18.15 -20.10 9.90
N ARG A 58 -17.17 -20.02 9.03
CA ARG A 58 -16.57 -18.73 8.69
C ARG A 58 -17.53 -17.91 7.84
N THR A 59 -18.20 -18.58 6.91
CA THR A 59 -18.93 -17.90 5.85
C THR A 59 -20.42 -17.82 6.14
N GLY A 60 -20.96 -18.87 6.75
CA GLY A 60 -22.39 -18.95 6.93
C GLY A 60 -23.03 -19.48 5.66
N ILE A 61 -22.18 -20.00 4.78
CA ILE A 61 -22.59 -20.48 3.46
C ILE A 61 -22.49 -22.01 3.32
N SER A 62 -23.44 -22.61 2.61
CA SER A 62 -23.43 -24.06 2.36
C SER A 62 -23.01 -24.41 0.93
N GLU A 63 -23.56 -23.72 -0.06
CA GLU A 63 -23.14 -23.88 -1.45
C GLU A 63 -23.22 -22.57 -2.23
N ARG A 64 -22.62 -22.55 -3.42
CA ARG A 64 -22.68 -21.38 -4.27
C ARG A 64 -22.42 -21.80 -5.71
N ARG A 65 -22.85 -20.97 -6.66
CA ARG A 65 -22.74 -21.32 -8.07
C ARG A 65 -21.45 -20.78 -8.67
N ILE A 66 -20.83 -21.55 -9.56
CA ILE A 66 -19.60 -21.12 -10.21
C ILE A 66 -19.68 -21.39 -11.71
N VAL A 67 -19.39 -20.37 -12.52
CA VAL A 67 -19.44 -20.54 -13.97
C VAL A 67 -18.42 -21.55 -14.47
N THR A 68 -18.72 -22.18 -15.61
CA THR A 68 -17.78 -23.11 -16.24
C THR A 68 -17.60 -22.79 -17.71
N GLN A 69 -18.55 -22.06 -18.29
CA GLN A 69 -18.47 -21.62 -19.69
C GLN A 69 -19.11 -20.27 -19.94
N GLU A 70 -19.74 -19.69 -18.93
CA GLU A 70 -20.38 -18.41 -19.12
C GLU A 70 -19.55 -17.28 -18.54
N ASN A 71 -19.58 -16.13 -19.19
CA ASN A 71 -18.96 -14.95 -18.64
C ASN A 71 -20.07 -14.06 -18.10
N THR A 72 -19.70 -12.94 -17.49
CA THR A 72 -20.70 -12.03 -16.94
C THR A 72 -21.76 -11.66 -17.98
N SER A 73 -21.32 -11.39 -19.20
CA SER A 73 -22.23 -11.02 -20.28
C SER A 73 -23.33 -12.06 -20.50
N ASP A 74 -23.00 -13.33 -20.34
CA ASP A 74 -23.98 -14.39 -20.53
C ASP A 74 -24.98 -14.43 -19.39
N LEU A 75 -24.49 -14.31 -18.16
CA LEU A 75 -25.36 -14.35 -17.00
C LEU A 75 -26.32 -13.17 -17.03
N CYS A 76 -25.83 -12.04 -17.52
CA CYS A 76 -26.69 -10.87 -17.65
C CYS A 76 -27.67 -11.06 -18.82
N HIS A 77 -27.17 -11.66 -19.91
CA HIS A 77 -28.00 -11.98 -21.06
C HIS A 77 -29.27 -12.71 -20.61
N GLN A 78 -29.07 -13.82 -19.90
CA GLN A 78 -30.20 -14.59 -19.41
C GLN A 78 -31.18 -13.70 -18.65
N VAL A 79 -30.66 -12.95 -17.69
CA VAL A 79 -31.47 -12.02 -16.92
C VAL A 79 -32.35 -11.13 -17.80
N ALA A 80 -31.74 -10.48 -18.77
CA ALA A 80 -32.46 -9.57 -19.65
C ALA A 80 -33.52 -10.36 -20.40
N LYS A 81 -33.07 -11.44 -21.04
CA LYS A 81 -33.93 -12.37 -21.73
C LYS A 81 -35.17 -12.72 -20.88
N GLN A 82 -34.94 -13.11 -19.63
CA GLN A 82 -36.04 -13.53 -18.77
C GLN A 82 -36.97 -12.38 -18.39
N LEU A 83 -36.39 -11.21 -18.12
CA LEU A 83 -37.19 -10.01 -17.84
C LEU A 83 -38.08 -9.66 -19.03
N LEU A 84 -37.56 -9.84 -20.23
CA LEU A 84 -38.34 -9.65 -21.45
C LEU A 84 -39.51 -10.64 -21.58
N GLU A 85 -39.23 -11.93 -21.39
CA GLU A 85 -40.27 -12.96 -21.45
C GLU A 85 -41.30 -12.85 -20.34
N LYS A 86 -40.85 -12.62 -19.11
CA LYS A 86 -41.76 -12.53 -17.98
C LYS A 86 -42.68 -11.31 -18.06
N SER A 87 -42.14 -10.18 -18.48
CA SER A 87 -42.88 -8.93 -18.54
C SER A 87 -43.64 -8.85 -19.85
N GLY A 88 -43.34 -9.78 -20.76
CA GLY A 88 -43.97 -9.75 -22.06
C GLY A 88 -43.68 -8.48 -22.84
N LYS A 89 -42.59 -7.79 -22.47
CA LYS A 89 -42.12 -6.61 -23.18
C LYS A 89 -41.29 -7.03 -24.38
N GLN A 90 -41.33 -6.21 -25.44
CA GLN A 90 -40.47 -6.41 -26.60
C GLN A 90 -39.15 -5.65 -26.43
N ALA A 91 -38.04 -6.29 -26.76
CA ALA A 91 -36.71 -5.67 -26.61
C ALA A 91 -36.66 -4.27 -27.24
N SER A 92 -37.38 -4.09 -28.33
CA SER A 92 -37.44 -2.82 -29.05
C SER A 92 -38.06 -1.73 -28.18
N GLU A 93 -38.67 -2.14 -27.08
CA GLU A 93 -39.28 -1.17 -26.16
C GLU A 93 -38.30 -0.61 -25.12
N ILE A 94 -37.22 -1.35 -24.87
CA ILE A 94 -36.20 -0.93 -23.92
C ILE A 94 -35.50 0.34 -24.41
N ASP A 95 -35.29 1.29 -23.50
CA ASP A 95 -34.64 2.55 -23.83
C ASP A 95 -33.18 2.58 -23.36
N PHE A 96 -32.91 1.91 -22.25
CA PHE A 96 -31.56 1.86 -21.72
C PHE A 96 -31.28 0.59 -20.92
N ILE A 97 -30.02 0.18 -20.92
CA ILE A 97 -29.60 -0.99 -20.17
C ILE A 97 -28.37 -0.65 -19.33
N LEU A 98 -28.54 -0.73 -18.02
CA LEU A 98 -27.46 -0.46 -17.10
C LEU A 98 -27.01 -1.78 -16.47
N VAL A 99 -25.70 -2.07 -16.55
CA VAL A 99 -25.13 -3.21 -15.86
C VAL A 99 -24.18 -2.81 -14.76
N ALA A 100 -24.51 -3.21 -13.54
CA ALA A 100 -23.61 -3.08 -12.41
C ALA A 100 -22.69 -4.30 -12.37
N THR A 101 -21.42 -4.10 -12.70
CA THR A 101 -20.46 -5.18 -12.61
C THR A 101 -19.04 -4.69 -12.49
N VAL A 102 -18.23 -5.49 -11.80
CA VAL A 102 -16.85 -5.14 -11.57
C VAL A 102 -16.01 -6.27 -12.17
N THR A 103 -16.69 -7.25 -12.75
CA THR A 103 -16.02 -8.32 -13.48
C THR A 103 -16.56 -8.52 -14.90
N PRO A 104 -16.41 -7.50 -15.78
CA PRO A 104 -16.89 -7.58 -17.16
C PRO A 104 -16.07 -8.53 -18.03
N ASP A 105 -16.66 -8.94 -19.14
CA ASP A 105 -15.91 -9.64 -20.19
C ASP A 105 -14.72 -8.78 -20.62
N PHE A 106 -15.01 -7.61 -21.18
CA PHE A 106 -13.98 -6.65 -21.60
C PHE A 106 -14.24 -5.37 -20.83
N ASN A 107 -13.26 -4.46 -20.84
CA ASN A 107 -13.52 -3.08 -20.41
C ASN A 107 -14.33 -2.42 -21.51
N MET A 108 -14.08 -2.85 -22.73
CA MET A 108 -14.77 -2.36 -23.92
C MET A 108 -14.89 -3.55 -24.86
N PRO A 109 -16.12 -3.86 -25.33
CA PRO A 109 -17.41 -3.23 -25.01
C PRO A 109 -17.86 -3.51 -23.60
N SER A 110 -18.77 -2.71 -23.08
CA SER A 110 -19.38 -2.98 -21.79
C SER A 110 -20.17 -4.28 -21.88
N VAL A 111 -20.35 -4.95 -20.75
CA VAL A 111 -21.30 -6.04 -20.67
C VAL A 111 -22.68 -5.55 -21.07
N ALA A 112 -22.99 -4.33 -20.67
CA ALA A 112 -24.27 -3.71 -21.00
C ALA A 112 -24.54 -3.75 -22.50
N CYS A 113 -23.53 -3.43 -23.31
CA CYS A 113 -23.72 -3.43 -24.75
C CYS A 113 -23.88 -4.83 -25.27
N GLN A 114 -23.05 -5.75 -24.77
CA GLN A 114 -23.10 -7.12 -25.23
C GLN A 114 -24.51 -7.66 -25.03
N VAL A 115 -25.07 -7.39 -23.86
CA VAL A 115 -26.42 -7.83 -23.59
C VAL A 115 -27.36 -7.18 -24.61
N GLN A 116 -27.14 -5.90 -24.88
CA GLN A 116 -28.03 -5.12 -25.72
C GLN A 116 -28.03 -5.67 -27.12
N GLY A 117 -26.90 -6.23 -27.54
CA GLY A 117 -26.87 -6.92 -28.82
C GLY A 117 -27.64 -8.22 -28.79
N ALA A 118 -27.41 -9.03 -27.77
CA ALA A 118 -27.94 -10.39 -27.74
C ALA A 118 -29.45 -10.45 -27.61
N ILE A 119 -30.06 -9.37 -27.13
CA ILE A 119 -31.50 -9.36 -27.00
C ILE A 119 -32.14 -8.42 -28.02
N GLY A 120 -31.34 -7.98 -28.98
CA GLY A 120 -31.87 -7.11 -30.02
C GLY A 120 -32.62 -5.88 -29.50
N ALA A 121 -32.23 -5.37 -28.34
CA ALA A 121 -32.77 -4.10 -27.87
C ALA A 121 -32.12 -3.00 -28.69
N THR A 122 -32.51 -2.92 -29.97
CA THR A 122 -31.83 -2.02 -30.92
C THR A 122 -32.09 -0.57 -30.65
N GLU A 123 -33.05 -0.27 -29.80
CA GLU A 123 -33.44 1.10 -29.57
C GLU A 123 -32.87 1.65 -28.26
N ALA A 124 -32.11 0.82 -27.56
CA ALA A 124 -31.67 1.17 -26.22
C ALA A 124 -30.17 1.48 -26.18
N PHE A 125 -29.79 2.51 -25.44
CA PHE A 125 -28.38 2.72 -25.18
C PHE A 125 -28.01 2.01 -23.88
N ALA A 126 -26.71 1.79 -23.66
CA ALA A 126 -26.27 0.86 -22.65
C ALA A 126 -24.89 1.21 -22.11
N PHE A 127 -24.69 1.04 -20.81
CA PHE A 127 -23.34 1.13 -20.26
C PHE A 127 -23.18 0.41 -18.90
N ASP A 128 -21.93 0.16 -18.52
CA ASP A 128 -21.66 -0.45 -17.24
C ASP A 128 -21.42 0.62 -16.18
N ILE A 129 -21.74 0.26 -14.95
CA ILE A 129 -21.41 1.08 -13.81
C ILE A 129 -20.46 0.30 -12.91
N SER A 130 -19.36 0.95 -12.53
CA SER A 130 -18.36 0.36 -11.65
C SER A 130 -18.47 0.93 -10.24
N ALA A 131 -18.98 0.13 -9.32
CA ALA A 131 -19.16 0.59 -7.94
C ALA A 131 -19.25 -0.62 -7.04
N ALA A 132 -18.62 -1.70 -7.48
CA ALA A 132 -18.56 -2.93 -6.69
C ALA A 132 -19.90 -3.28 -6.04
N CYS A 133 -19.85 -3.75 -4.80
CA CYS A 133 -21.02 -4.34 -4.16
C CYS A 133 -22.12 -3.31 -3.86
N SER A 134 -21.87 -2.06 -4.23
CA SER A 134 -22.92 -1.04 -4.19
C SER A 134 -23.51 -0.80 -5.58
N GLY A 135 -23.02 -1.55 -6.57
CA GLY A 135 -23.35 -1.26 -7.94
C GLY A 135 -24.83 -1.22 -8.25
N PHE A 136 -25.54 -2.30 -7.92
CA PHE A 136 -26.96 -2.38 -8.24
C PHE A 136 -27.72 -1.17 -7.71
N VAL A 137 -27.46 -0.83 -6.46
CA VAL A 137 -28.12 0.30 -5.84
C VAL A 137 -27.75 1.62 -6.54
N TYR A 138 -26.45 1.81 -6.79
CA TYR A 138 -25.98 2.98 -7.51
C TYR A 138 -26.70 3.06 -8.85
N ALA A 139 -26.78 1.91 -9.52
CA ALA A 139 -27.34 1.82 -10.86
C ALA A 139 -28.84 2.04 -10.86
N LEU A 140 -29.51 1.46 -9.87
CA LEU A 140 -30.95 1.63 -9.76
C LEU A 140 -31.21 3.12 -9.59
N SER A 141 -30.50 3.74 -8.65
CA SER A 141 -30.59 5.18 -8.45
C SER A 141 -30.48 5.94 -9.77
N MET A 142 -29.56 5.52 -10.63
CA MET A 142 -29.27 6.21 -11.89
C MET A 142 -30.40 6.11 -12.90
N ALA A 143 -31.11 4.99 -12.88
CA ALA A 143 -32.21 4.74 -13.81
C ALA A 143 -33.38 5.62 -13.42
N GLU A 144 -33.49 5.91 -12.14
CA GLU A 144 -34.53 6.78 -11.65
C GLU A 144 -34.34 8.18 -12.22
N LYS A 145 -33.12 8.71 -12.14
CA LYS A 145 -32.84 10.02 -12.74
C LYS A 145 -33.18 10.02 -14.23
N LEU A 146 -32.73 8.97 -14.92
CA LEU A 146 -32.97 8.85 -16.34
C LEU A 146 -34.46 8.93 -16.66
N VAL A 147 -35.26 8.08 -16.01
CA VAL A 147 -36.70 8.10 -16.21
C VAL A 147 -37.28 9.42 -15.74
N LEU A 148 -36.84 9.87 -14.58
CA LEU A 148 -37.35 11.11 -13.99
C LEU A 148 -37.28 12.27 -15.00
N SER A 149 -36.26 12.26 -15.86
CA SER A 149 -36.01 13.37 -16.77
C SER A 149 -37.10 13.52 -17.83
N GLY A 150 -37.86 12.45 -18.06
CA GLY A 150 -38.86 12.46 -19.10
C GLY A 150 -38.34 11.98 -20.45
N ARG A 151 -37.06 11.66 -20.53
CA ARG A 151 -36.47 11.24 -21.80
C ARG A 151 -36.61 9.74 -22.02
N TYR A 152 -36.81 9.00 -20.94
CA TYR A 152 -36.80 7.54 -21.03
C TYR A 152 -37.86 6.95 -20.12
N GLN A 153 -38.47 5.84 -20.54
CA GLN A 153 -39.54 5.23 -19.75
C GLN A 153 -39.25 3.78 -19.35
N THR A 154 -38.50 3.06 -20.16
CA THR A 154 -38.30 1.63 -19.92
C THR A 154 -36.82 1.28 -19.94
N GLY A 155 -36.37 0.62 -18.87
CA GLY A 155 -34.97 0.25 -18.81
C GLY A 155 -34.73 -1.08 -18.11
N LEU A 156 -33.60 -1.69 -18.41
CA LEU A 156 -33.17 -2.87 -17.70
C LEU A 156 -32.02 -2.48 -16.79
N VAL A 157 -32.05 -2.95 -15.55
CA VAL A 157 -30.98 -2.68 -14.60
C VAL A 157 -30.53 -3.98 -13.95
N ILE A 158 -29.40 -4.50 -14.43
CA ILE A 158 -28.98 -5.85 -14.08
C ILE A 158 -27.66 -5.79 -13.31
N GLY A 159 -27.60 -6.50 -12.19
CA GLY A 159 -26.35 -6.67 -11.47
C GLY A 159 -25.86 -8.08 -11.70
N GLY A 160 -24.65 -8.21 -12.21
CA GLY A 160 -24.12 -9.53 -12.52
C GLY A 160 -22.62 -9.49 -12.39
N GLU A 161 -22.04 -10.62 -12.00
CA GLU A 161 -20.66 -10.67 -11.55
C GLU A 161 -20.19 -12.09 -11.82
N THR A 162 -19.00 -12.25 -12.39
CA THR A 162 -18.34 -13.56 -12.43
C THR A 162 -17.05 -13.53 -11.61
N PHE A 163 -17.17 -13.46 -10.29
CA PHE A 163 -16.01 -13.12 -9.47
C PHE A 163 -15.05 -14.30 -9.30
N SER A 164 -15.51 -15.50 -9.63
CA SER A 164 -14.68 -16.69 -9.50
C SER A 164 -13.37 -16.61 -10.31
N LYS A 165 -13.32 -15.75 -11.32
CA LYS A 165 -12.13 -15.68 -12.16
C LYS A 165 -11.08 -14.78 -11.51
N MET A 166 -11.43 -14.25 -10.35
CA MET A 166 -10.68 -13.16 -9.73
C MET A 166 -10.19 -13.57 -8.34
N LEU A 167 -10.27 -14.86 -8.05
CA LEU A 167 -9.89 -15.38 -6.75
C LEU A 167 -8.76 -16.41 -6.86
N ASP A 168 -7.86 -16.38 -5.90
CA ASP A 168 -6.82 -17.41 -5.81
C ASP A 168 -7.43 -18.61 -5.11
N TRP A 169 -7.88 -19.60 -5.89
CA TRP A 169 -8.64 -20.70 -5.32
C TRP A 169 -7.81 -21.63 -4.42
N THR A 170 -6.59 -21.21 -4.09
CA THR A 170 -5.81 -21.95 -3.10
C THR A 170 -6.08 -21.38 -1.73
N ASP A 171 -6.58 -20.15 -1.70
CA ASP A 171 -6.75 -19.42 -0.45
C ASP A 171 -8.15 -19.61 0.16
N ARG A 172 -8.26 -20.52 1.11
CA ARG A 172 -9.54 -20.84 1.73
C ARG A 172 -10.12 -19.64 2.45
N SER A 173 -9.34 -18.57 2.54
CA SER A 173 -9.76 -17.40 3.30
C SER A 173 -10.77 -16.54 2.54
N THR A 174 -10.58 -16.36 1.24
CA THR A 174 -11.48 -15.51 0.46
C THR A 174 -12.31 -16.29 -0.54
N ALA A 175 -11.73 -17.33 -1.12
CA ALA A 175 -12.38 -18.02 -2.24
C ALA A 175 -13.67 -18.74 -1.86
N VAL A 176 -13.81 -19.09 -0.58
CA VAL A 176 -14.98 -19.82 -0.13
C VAL A 176 -16.18 -18.89 0.04
N LEU A 177 -15.94 -17.59 -0.15
CA LEU A 177 -16.94 -16.56 0.12
C LEU A 177 -17.87 -16.28 -1.05
N PHE A 178 -17.31 -16.24 -2.26
CA PHE A 178 -18.03 -15.69 -3.39
C PHE A 178 -18.70 -16.77 -4.25
N GLY A 179 -19.84 -16.40 -4.82
CA GLY A 179 -20.44 -17.19 -5.89
C GLY A 179 -20.71 -16.34 -7.13
N ASP A 180 -21.04 -16.97 -8.25
CA ASP A 180 -21.35 -16.24 -9.47
C ASP A 180 -22.85 -16.08 -9.71
N GLY A 181 -23.20 -15.25 -10.68
CA GLY A 181 -24.59 -15.09 -11.02
C GLY A 181 -24.98 -13.66 -11.31
N ALA A 182 -26.23 -13.48 -11.70
CA ALA A 182 -26.77 -12.17 -12.02
C ALA A 182 -28.27 -12.14 -11.78
N ALA A 183 -28.83 -10.95 -11.86
CA ALA A 183 -30.23 -10.76 -11.59
C ALA A 183 -30.47 -9.27 -11.68
N GLY A 184 -31.66 -8.88 -12.07
CA GLY A 184 -31.92 -7.47 -12.26
C GLY A 184 -33.41 -7.20 -12.34
N VAL A 185 -33.75 -5.99 -12.73
CA VAL A 185 -35.14 -5.58 -12.78
C VAL A 185 -35.45 -4.84 -14.07
N LEU A 186 -36.73 -4.87 -14.44
CA LEU A 186 -37.24 -3.99 -15.48
C LEU A 186 -37.78 -2.77 -14.75
N ILE A 187 -37.41 -1.57 -15.20
CA ILE A 187 -38.05 -0.40 -14.63
C ILE A 187 -38.85 0.37 -15.68
N GLU A 188 -40.03 0.81 -15.26
CA GLU A 188 -40.97 1.48 -16.13
C GLU A 188 -41.45 2.78 -15.49
N ALA A 189 -41.93 3.71 -16.31
CA ALA A 189 -42.40 4.99 -15.81
C ALA A 189 -43.78 4.83 -15.21
N ALA A 190 -44.07 5.56 -14.15
CA ALA A 190 -45.34 5.42 -13.47
C ALA A 190 -45.89 6.78 -13.06
N GLU A 191 -47.17 6.80 -12.75
CA GLU A 191 -47.86 8.02 -12.38
C GLU A 191 -47.50 8.39 -10.95
N THR A 192 -47.45 7.39 -10.08
CA THR A 192 -47.22 7.63 -8.66
C THR A 192 -45.79 7.27 -8.29
N PRO A 193 -45.12 8.14 -7.53
CA PRO A 193 -43.70 7.96 -7.19
C PRO A 193 -43.49 6.69 -6.38
N HIS A 194 -42.45 5.92 -6.73
CA HIS A 194 -42.12 4.69 -6.02
C HIS A 194 -40.80 4.84 -5.28
N PHE A 195 -39.84 5.51 -5.91
CA PHE A 195 -38.58 5.79 -5.26
C PHE A 195 -38.71 7.03 -4.36
N LEU A 196 -38.62 6.80 -3.05
CA LEU A 196 -38.90 7.85 -2.06
C LEU A 196 -37.67 8.68 -1.70
N ASN A 197 -36.61 8.00 -1.28
CA ASN A 197 -35.43 8.69 -0.78
C ASN A 197 -34.19 7.82 -1.00
N GLU A 198 -33.03 8.47 -1.09
CA GLU A 198 -31.79 7.74 -1.31
C GLU A 198 -30.63 8.47 -0.65
N LYS A 199 -29.62 7.73 -0.24
CA LYS A 199 -28.37 8.34 0.19
C LYS A 199 -27.19 7.51 -0.29
N LEU A 200 -26.43 8.06 -1.24
CA LEU A 200 -25.31 7.35 -1.81
C LEU A 200 -24.05 7.98 -1.24
N GLN A 201 -23.12 7.15 -0.80
CA GLN A 201 -21.90 7.66 -0.19
C GLN A 201 -20.67 6.92 -0.67
N ALA A 202 -19.52 7.54 -0.46
CA ALA A 202 -18.25 6.94 -0.84
C ALA A 202 -17.14 7.42 0.08
N ASP A 203 -16.08 6.61 0.20
CA ASP A 203 -14.91 7.01 0.96
C ASP A 203 -13.67 6.46 0.29
N GLY A 204 -13.14 7.17 -0.70
CA GLY A 204 -12.00 6.67 -1.41
C GLY A 204 -10.71 6.79 -0.62
N GLN A 205 -10.80 7.21 0.63
CA GLN A 205 -9.61 7.35 1.44
C GLN A 205 -9.22 6.00 2.02
N ARG A 206 -9.99 4.98 1.67
CA ARG A 206 -9.79 3.66 2.19
C ARG A 206 -9.80 2.63 1.06
N TRP A 207 -9.59 3.08 -0.16
CA TRP A 207 -9.78 2.18 -1.29
C TRP A 207 -8.87 0.96 -1.24
N ALA A 208 -7.83 1.04 -0.43
CA ALA A 208 -6.84 -0.04 -0.31
C ALA A 208 -7.50 -1.27 0.30
N ALA A 209 -8.63 -1.05 0.96
CA ALA A 209 -9.29 -2.06 1.77
C ALA A 209 -9.80 -3.25 0.98
N LEU A 210 -10.12 -3.01 -0.28
CA LEU A 210 -10.91 -3.96 -1.01
C LEU A 210 -10.70 -3.81 -2.52
N THR A 211 -9.79 -4.59 -3.08
CA THR A 211 -9.32 -4.35 -4.44
C THR A 211 -9.29 -5.61 -5.30
N SER A 212 -9.57 -5.44 -6.60
CA SER A 212 -9.42 -6.52 -7.56
C SER A 212 -9.24 -5.98 -8.98
N GLY A 213 -8.53 -6.74 -9.79
CA GLY A 213 -8.54 -6.50 -11.22
C GLY A 213 -7.47 -5.55 -11.70
N TYR A 214 -6.41 -5.37 -10.90
CA TYR A 214 -5.36 -4.45 -11.29
C TYR A 214 -4.82 -4.92 -12.60
N THR A 215 -4.31 -4.00 -13.40
CA THR A 215 -3.73 -4.39 -14.67
C THR A 215 -2.48 -3.55 -14.91
N ILE A 216 -1.34 -4.25 -14.99
CA ILE A 216 -0.04 -3.61 -15.01
C ILE A 216 0.34 -3.03 -16.35
N ASN A 217 0.90 -1.83 -16.33
CA ASN A 217 1.38 -1.19 -17.55
C ASN A 217 2.77 -1.69 -17.89
N GLU A 218 2.85 -2.58 -18.88
CA GLU A 218 4.14 -3.04 -19.36
C GLU A 218 4.40 -2.49 -20.75
N SER A 219 4.05 -1.23 -20.96
CA SER A 219 4.37 -0.57 -22.23
C SER A 219 5.85 -0.28 -22.24
N PRO A 220 6.43 -0.15 -23.45
CA PRO A 220 7.86 0.13 -23.59
C PRO A 220 8.26 1.46 -22.98
N PHE A 221 7.26 2.29 -22.66
CA PHE A 221 7.54 3.61 -22.14
C PHE A 221 7.43 3.66 -20.61
N TYR A 222 6.88 2.62 -20.01
CA TYR A 222 6.63 2.64 -18.57
C TYR A 222 7.85 2.24 -17.76
N GLN A 223 8.23 3.09 -16.84
CA GLN A 223 9.40 2.86 -16.02
C GLN A 223 9.00 2.74 -14.56
N GLY A 224 7.73 2.42 -14.33
CA GLY A 224 7.26 2.15 -12.99
C GLY A 224 7.50 0.70 -12.62
N HIS A 225 7.31 0.36 -11.35
CA HIS A 225 7.58 -1.00 -10.88
C HIS A 225 6.41 -1.54 -10.07
N LYS A 226 5.48 -2.24 -10.72
CA LYS A 226 4.28 -2.68 -10.02
C LYS A 226 4.00 -4.19 -10.11
N GLN A 227 3.75 -4.79 -8.94
CA GLN A 227 3.21 -6.14 -8.83
C GLN A 227 1.71 -6.04 -8.93
N ALA A 228 1.06 -7.07 -9.44
CA ALA A 228 -0.30 -6.90 -9.89
C ALA A 228 -1.10 -8.18 -10.07
N SER A 229 -1.24 -8.97 -9.02
CA SER A 229 -2.21 -10.05 -9.10
C SER A 229 -3.53 -9.33 -9.37
N LYS A 230 -4.34 -9.90 -10.25
CA LYS A 230 -5.66 -9.34 -10.49
C LYS A 230 -6.53 -9.84 -9.34
N THR A 231 -6.02 -10.84 -8.64
CA THR A 231 -6.78 -11.51 -7.59
C THR A 231 -7.10 -10.58 -6.42
N LEU A 232 -8.33 -10.66 -5.95
CA LEU A 232 -8.83 -9.80 -4.89
C LEU A 232 -7.90 -9.74 -3.68
N GLN A 233 -7.80 -8.57 -3.09
CA GLN A 233 -7.21 -8.39 -1.77
C GLN A 233 -8.30 -7.81 -0.87
N MET A 234 -8.54 -8.44 0.28
CA MET A 234 -9.63 -8.03 1.15
C MET A 234 -9.20 -7.86 2.59
N GLU A 235 -9.26 -6.63 3.08
CA GLU A 235 -8.93 -6.36 4.48
C GLU A 235 -10.16 -6.61 5.36
N GLY A 236 -10.28 -7.83 5.86
CA GLY A 236 -11.53 -8.27 6.48
C GLY A 236 -12.17 -7.41 7.55
N ARG A 237 -11.46 -7.14 8.64
CA ARG A 237 -12.06 -6.46 9.79
C ARG A 237 -12.23 -4.96 9.56
N SER A 238 -11.35 -4.39 8.75
CA SER A 238 -11.49 -3.00 8.37
C SER A 238 -12.85 -2.76 7.71
N ILE A 239 -13.22 -3.65 6.78
CA ILE A 239 -14.48 -3.51 6.07
C ILE A 239 -15.66 -4.06 6.85
N PHE A 240 -15.40 -4.99 7.76
CA PHE A 240 -16.44 -5.47 8.67
C PHE A 240 -16.85 -4.32 9.60
N ASP A 241 -15.89 -3.70 10.26
CA ASP A 241 -16.19 -2.59 11.16
C ASP A 241 -16.78 -1.43 10.37
N PHE A 242 -16.23 -1.19 9.19
CA PHE A 242 -16.76 -0.18 8.28
C PHE A 242 -18.26 -0.39 8.02
N ALA A 243 -18.64 -1.60 7.63
CA ALA A 243 -20.03 -1.89 7.32
C ALA A 243 -20.94 -1.62 8.53
N ILE A 244 -20.56 -2.18 9.68
CA ILE A 244 -21.36 -2.03 10.88
C ILE A 244 -21.57 -0.55 11.21
N LYS A 245 -20.53 0.26 11.06
CA LYS A 245 -20.65 1.68 11.41
C LYS A 245 -21.38 2.49 10.33
N ASP A 246 -20.73 2.65 9.18
CA ASP A 246 -21.19 3.56 8.15
C ASP A 246 -22.49 3.17 7.48
N VAL A 247 -22.68 1.89 7.22
CA VAL A 247 -23.92 1.45 6.63
C VAL A 247 -25.10 1.77 7.55
N SER A 248 -24.97 1.40 8.82
CA SER A 248 -26.01 1.64 9.81
C SER A 248 -26.49 3.07 9.77
N GLN A 249 -25.54 4.00 9.75
CA GLN A 249 -25.86 5.41 9.79
C GLN A 249 -26.55 5.79 8.48
N ASN A 250 -26.19 5.07 7.42
CA ASN A 250 -26.75 5.32 6.11
C ASN A 250 -28.20 4.86 6.09
N ILE A 251 -28.46 3.68 6.64
CA ILE A 251 -29.81 3.15 6.66
C ILE A 251 -30.74 4.04 7.49
N LEU A 252 -30.23 4.55 8.61
CA LEU A 252 -31.06 5.34 9.54
C LEU A 252 -31.44 6.72 9.02
N SER A 253 -30.64 7.25 8.09
CA SER A 253 -30.95 8.55 7.52
C SER A 253 -32.16 8.46 6.59
N LEU A 254 -32.59 7.25 6.29
CA LEU A 254 -33.78 7.05 5.46
C LEU A 254 -35.00 6.59 6.25
N VAL A 255 -34.80 5.67 7.18
CA VAL A 255 -35.91 5.06 7.90
C VAL A 255 -35.59 4.79 9.37
N THR A 256 -36.63 4.44 10.11
CA THR A 256 -36.48 3.81 11.42
C THR A 256 -37.39 2.60 11.41
N ASP A 257 -37.29 1.75 12.42
CA ASP A 257 -38.08 0.52 12.46
C ASP A 257 -39.55 0.77 12.13
N GLU A 258 -40.06 1.94 12.53
CA GLU A 258 -41.43 2.35 12.26
C GLU A 258 -41.76 2.46 10.78
N THR A 259 -40.79 2.92 10.00
CA THR A 259 -41.04 3.27 8.60
C THR A 259 -40.38 2.35 7.58
N VAL A 260 -40.31 1.05 7.89
CA VAL A 260 -39.79 0.09 6.94
C VAL A 260 -40.40 -1.29 7.15
N ASP A 261 -40.71 -1.97 6.06
CA ASP A 261 -41.25 -3.32 6.15
C ASP A 261 -40.19 -4.39 5.96
N TYR A 262 -39.31 -4.20 4.97
CA TYR A 262 -38.20 -5.12 4.76
C TYR A 262 -36.95 -4.39 4.27
N LEU A 263 -35.78 -4.93 4.54
CA LEU A 263 -34.56 -4.34 4.04
C LEU A 263 -33.73 -5.37 3.29
N LEU A 264 -33.37 -5.06 2.05
CA LEU A 264 -32.50 -5.93 1.27
C LEU A 264 -31.09 -5.36 1.26
N LEU A 265 -30.18 -6.02 1.97
CA LEU A 265 -28.79 -5.57 2.05
C LEU A 265 -27.86 -6.48 1.27
N HIS A 266 -26.78 -5.92 0.75
CA HIS A 266 -25.69 -6.75 0.24
C HIS A 266 -25.44 -7.93 1.19
N GLN A 267 -25.38 -9.14 0.64
CA GLN A 267 -25.15 -10.32 1.47
C GLN A 267 -23.67 -10.61 1.53
N ALA A 268 -22.99 -9.97 2.47
CA ALA A 268 -21.56 -10.11 2.63
C ALA A 268 -21.28 -11.21 3.64
N ASN A 269 -22.05 -11.20 4.73
CA ASN A 269 -21.89 -12.14 5.83
C ASN A 269 -22.99 -11.84 6.85
N VAL A 270 -23.74 -12.87 7.21
CA VAL A 270 -24.94 -12.67 8.01
C VAL A 270 -24.64 -11.92 9.30
N ARG A 271 -23.45 -12.12 9.86
CA ARG A 271 -23.05 -11.45 11.10
C ARG A 271 -23.02 -9.93 10.96
N ILE A 272 -22.79 -9.46 9.75
CA ILE A 272 -22.90 -8.03 9.49
C ILE A 272 -24.36 -7.61 9.51
N ILE A 273 -25.22 -8.48 8.99
CA ILE A 273 -26.64 -8.22 9.01
C ILE A 273 -27.21 -8.27 10.42
N ASP A 274 -26.63 -9.11 11.27
CA ASP A 274 -27.06 -9.17 12.66
C ASP A 274 -26.65 -7.92 13.42
N LYS A 275 -25.40 -7.52 13.26
CA LYS A 275 -24.88 -6.37 14.01
C LYS A 275 -25.53 -5.08 13.54
N ILE A 276 -25.82 -4.97 12.24
CA ILE A 276 -26.44 -3.76 11.71
C ILE A 276 -27.86 -3.61 12.18
N ALA A 277 -28.60 -4.71 12.18
CA ALA A 277 -29.94 -4.71 12.76
C ALA A 277 -29.92 -4.12 14.18
N ARG A 278 -28.96 -4.56 14.99
CA ARG A 278 -28.91 -4.16 16.40
C ARG A 278 -28.58 -2.68 16.56
N LYS A 279 -27.74 -2.17 15.67
CA LYS A 279 -27.31 -0.78 15.77
C LYS A 279 -28.45 0.14 15.36
N THR A 280 -29.07 -0.21 14.24
CA THR A 280 -30.17 0.56 13.70
C THR A 280 -31.41 0.44 14.60
N LYS A 281 -31.42 -0.58 15.44
CA LYS A 281 -32.57 -0.90 16.31
C LYS A 281 -33.82 -1.23 15.49
N ILE A 282 -33.59 -1.95 14.40
CA ILE A 282 -34.64 -2.39 13.48
C ILE A 282 -34.82 -3.89 13.57
N SER A 283 -36.07 -4.34 13.56
CA SER A 283 -36.37 -5.76 13.66
C SER A 283 -35.50 -6.58 12.70
N ARG A 284 -34.91 -7.66 13.21
CA ARG A 284 -33.98 -8.47 12.45
C ARG A 284 -34.68 -9.30 11.37
N GLU A 285 -35.95 -9.61 11.60
CA GLU A 285 -36.72 -10.44 10.67
C GLU A 285 -37.03 -9.69 9.36
N LYS A 286 -36.91 -8.37 9.42
CA LYS A 286 -37.13 -7.54 8.25
C LYS A 286 -35.94 -7.58 7.28
N PHE A 287 -34.76 -7.91 7.79
CA PHE A 287 -33.57 -8.02 6.95
C PHE A 287 -33.58 -9.36 6.26
N LEU A 288 -33.93 -9.40 4.97
CA LEU A 288 -34.00 -10.66 4.24
C LEU A 288 -32.61 -11.24 4.00
N THR A 289 -32.51 -12.55 4.09
CA THR A 289 -31.21 -13.22 4.05
C THR A 289 -31.21 -14.39 3.08
N ASN A 290 -30.07 -14.62 2.45
CA ASN A 290 -30.06 -15.21 1.12
C ASN A 290 -28.88 -16.14 0.88
N MET A 291 -27.86 -16.03 1.73
CA MET A 291 -26.51 -16.39 1.35
C MET A 291 -26.15 -17.89 1.43
N ASP A 292 -27.00 -18.69 2.06
CA ASP A 292 -26.67 -20.10 2.26
C ASP A 292 -26.36 -20.77 0.94
N LYS A 293 -27.20 -20.53 -0.07
CA LYS A 293 -27.16 -21.29 -1.30
C LYS A 293 -26.48 -20.57 -2.48
N TYR A 294 -26.24 -19.26 -2.33
CA TYR A 294 -25.58 -18.49 -3.36
C TYR A 294 -24.19 -18.01 -2.96
N GLY A 295 -23.97 -17.82 -1.68
CA GLY A 295 -22.76 -17.15 -1.24
C GLY A 295 -22.81 -15.68 -1.63
N ASN A 296 -21.65 -15.02 -1.61
CA ASN A 296 -21.55 -13.59 -1.85
C ASN A 296 -21.39 -13.30 -3.34
N THR A 297 -22.43 -12.75 -3.95
CA THR A 297 -22.50 -12.57 -5.39
C THR A 297 -22.29 -11.12 -5.82
N SER A 298 -21.77 -10.31 -4.92
CA SER A 298 -21.40 -8.92 -5.22
C SER A 298 -22.59 -8.10 -5.70
N ALA A 299 -22.44 -7.44 -6.85
CA ALA A 299 -23.50 -6.62 -7.39
C ALA A 299 -24.76 -7.45 -7.54
N ALA A 300 -24.57 -8.76 -7.68
CA ALA A 300 -25.67 -9.67 -7.89
C ALA A 300 -26.51 -9.86 -6.63
N SER A 301 -25.89 -9.73 -5.46
CA SER A 301 -26.47 -10.21 -4.23
C SER A 301 -27.87 -9.69 -3.94
N ILE A 302 -28.07 -8.38 -4.06
CA ILE A 302 -29.35 -7.75 -3.75
C ILE A 302 -30.46 -8.09 -4.75
N PRO A 303 -30.18 -7.94 -6.05
CA PRO A 303 -31.23 -8.26 -7.01
C PRO A 303 -31.62 -9.74 -7.02
N ILE A 304 -30.69 -10.63 -6.72
CA ILE A 304 -31.07 -12.03 -6.54
C ILE A 304 -31.94 -12.23 -5.29
N LEU A 305 -31.59 -11.53 -4.21
CA LEU A 305 -32.38 -11.62 -3.00
C LEU A 305 -33.77 -11.08 -3.30
N LEU A 306 -33.82 -10.03 -4.11
CA LEU A 306 -35.07 -9.38 -4.48
C LEU A 306 -36.01 -10.32 -5.26
N ASP A 307 -35.45 -11.13 -6.15
CA ASP A 307 -36.26 -12.01 -6.98
C ASP A 307 -36.77 -13.22 -6.21
N GLU A 308 -35.95 -13.74 -5.30
CA GLU A 308 -36.38 -14.84 -4.44
C GLU A 308 -37.55 -14.38 -3.57
N ALA A 309 -37.40 -13.21 -2.97
CA ALA A 309 -38.41 -12.71 -2.04
C ALA A 309 -39.72 -12.49 -2.77
N VAL A 310 -39.65 -12.23 -4.07
CA VAL A 310 -40.86 -12.05 -4.85
C VAL A 310 -41.44 -13.41 -5.21
N GLU A 311 -40.60 -14.40 -5.41
CA GLU A 311 -41.06 -15.78 -5.52
C GLU A 311 -41.84 -16.20 -4.27
N ASN A 312 -41.21 -16.11 -3.11
CA ASN A 312 -41.85 -16.42 -1.83
C ASN A 312 -43.21 -15.75 -1.69
N GLY A 313 -43.38 -14.63 -2.39
CA GLY A 313 -44.48 -13.74 -2.07
C GLY A 313 -44.19 -12.81 -0.89
N THR A 314 -43.00 -12.92 -0.31
CA THR A 314 -42.59 -12.06 0.81
C THR A 314 -42.78 -10.60 0.39
N LEU A 315 -42.27 -10.28 -0.79
CA LEU A 315 -42.50 -8.98 -1.39
C LEU A 315 -43.51 -9.10 -2.52
N ILE A 316 -44.42 -8.15 -2.60
CA ILE A 316 -45.43 -8.18 -3.64
C ILE A 316 -45.41 -6.86 -4.39
N LEU A 317 -45.26 -6.95 -5.70
CA LEU A 317 -45.18 -5.76 -6.53
C LEU A 317 -46.50 -5.01 -6.50
N GLY A 318 -46.42 -3.68 -6.51
CA GLY A 318 -47.60 -2.86 -6.36
C GLY A 318 -48.38 -3.19 -5.10
N SER A 319 -47.69 -3.21 -3.96
CA SER A 319 -48.35 -3.41 -2.67
C SER A 319 -48.13 -2.17 -1.80
N GLN A 320 -47.12 -1.39 -2.15
CA GLN A 320 -46.71 -0.23 -1.36
C GLN A 320 -45.88 -0.60 -0.12
N GLN A 321 -45.30 -1.79 -0.11
CA GLN A 321 -44.42 -2.17 0.99
C GLN A 321 -43.21 -1.24 1.07
N ARG A 322 -43.01 -0.64 2.23
CA ARG A 322 -41.78 0.12 2.49
C ARG A 322 -40.57 -0.81 2.40
N VAL A 323 -39.70 -0.58 1.42
CA VAL A 323 -38.48 -1.38 1.26
C VAL A 323 -37.23 -0.54 1.03
N VAL A 324 -36.14 -0.94 1.68
CA VAL A 324 -34.87 -0.25 1.46
C VAL A 324 -33.79 -1.23 0.98
N LEU A 325 -33.17 -0.90 -0.15
CA LEU A 325 -32.07 -1.70 -0.67
C LEU A 325 -30.81 -0.96 -0.34
N THR A 326 -29.88 -1.63 0.33
CA THR A 326 -28.68 -0.93 0.71
C THR A 326 -27.46 -1.74 0.31
N GLY A 327 -26.49 -1.07 -0.29
CA GLY A 327 -25.29 -1.76 -0.70
C GLY A 327 -24.08 -1.10 -0.11
N PHE A 328 -22.98 -1.85 -0.05
CA PHE A 328 -21.72 -1.34 0.48
C PHE A 328 -20.63 -2.27 -0.05
N GLY A 329 -19.45 -1.72 -0.35
CA GLY A 329 -18.42 -2.57 -0.89
C GLY A 329 -17.17 -1.82 -1.30
N GLY A 330 -16.45 -2.37 -2.28
CA GLY A 330 -15.24 -1.74 -2.77
C GLY A 330 -15.44 -0.28 -3.11
N GLY A 331 -14.39 0.52 -2.95
CA GLY A 331 -14.53 1.96 -3.17
C GLY A 331 -13.67 2.81 -2.25
N LEU A 332 -14.04 2.90 -0.99
CA LEU A 332 -15.24 2.26 -0.45
C LEU A 332 -16.50 2.92 -0.98
N THR A 333 -17.52 2.12 -1.23
CA THR A 333 -18.84 2.66 -1.56
C THR A 333 -19.91 2.09 -0.64
N TRP A 334 -20.90 2.90 -0.32
CA TRP A 334 -22.16 2.38 0.19
C TRP A 334 -23.33 3.28 -0.20
N GLY A 335 -24.54 2.80 -0.02
CA GLY A 335 -25.70 3.58 -0.41
C GLY A 335 -26.98 2.83 -0.19
N SER A 336 -28.07 3.58 -0.03
CA SER A 336 -29.37 2.97 0.21
C SER A 336 -30.43 3.66 -0.62
N LEU A 337 -31.32 2.86 -1.18
CA LEU A 337 -32.53 3.38 -1.80
C LEU A 337 -33.70 3.08 -0.88
N LEU A 338 -34.56 4.07 -0.68
CA LEU A 338 -35.84 3.83 -0.02
C LEU A 338 -36.95 3.91 -1.04
N LEU A 339 -37.51 2.76 -1.41
CA LEU A 339 -38.53 2.75 -2.43
C LEU A 339 -39.79 2.06 -1.97
N THR A 340 -40.89 2.31 -2.67
CA THR A 340 -42.14 1.65 -2.33
C THR A 340 -42.45 0.61 -3.38
N LEU A 341 -42.70 -0.61 -2.94
CA LEU A 341 -42.74 -1.76 -3.83
C LEU A 341 -44.06 -1.87 -4.54
N LYS B 22 -34.57 25.93 -9.65
CA LYS B 22 -33.18 25.97 -10.21
C LYS B 22 -32.69 24.55 -10.52
N ASN B 23 -33.26 23.96 -11.57
CA ASN B 23 -33.09 22.55 -11.85
C ASN B 23 -32.08 22.26 -12.96
N TYR B 24 -31.71 23.29 -13.71
CA TYR B 24 -30.89 23.12 -14.90
C TYR B 24 -29.41 23.03 -14.57
N ALA B 25 -28.64 22.43 -15.45
CA ALA B 25 -27.21 22.26 -15.23
C ALA B 25 -26.40 22.95 -16.32
N ARG B 26 -25.21 23.42 -15.96
CA ARG B 26 -24.28 23.96 -16.94
C ARG B 26 -22.86 23.57 -16.58
N ILE B 27 -21.99 23.56 -17.58
CA ILE B 27 -20.58 23.37 -17.32
C ILE B 27 -19.97 24.68 -16.84
N SER B 28 -19.36 24.64 -15.66
CA SER B 28 -18.91 25.86 -14.98
C SER B 28 -17.40 26.01 -15.05
N CYS B 29 -16.71 24.96 -15.45
CA CYS B 29 -15.27 25.00 -15.49
C CYS B 29 -14.72 23.80 -16.25
N THR B 30 -13.58 23.99 -16.91
CA THR B 30 -12.95 22.91 -17.65
C THR B 30 -11.49 22.78 -17.26
N SER B 31 -10.96 21.58 -17.43
CA SER B 31 -9.58 21.31 -17.05
C SER B 31 -9.11 20.07 -17.79
N ARG B 32 -7.83 20.04 -18.11
CA ARG B 32 -7.23 18.88 -18.73
C ARG B 32 -5.87 18.60 -18.13
N TYR B 33 -5.42 17.35 -18.23
CA TYR B 33 -4.07 16.98 -17.81
C TYR B 33 -3.60 15.75 -18.59
N VAL B 34 -2.45 15.89 -19.24
CA VAL B 34 -1.82 14.77 -19.92
C VAL B 34 -0.37 14.67 -19.47
N PRO B 35 0.24 13.47 -19.59
CA PRO B 35 1.61 13.19 -19.16
C PRO B 35 2.62 13.94 -20.02
N GLU B 36 3.68 14.43 -19.41
CA GLU B 36 4.65 15.25 -20.13
C GLU B 36 5.43 14.48 -21.19
N ASN B 37 5.51 13.16 -21.05
CA ASN B 37 6.23 12.36 -22.04
C ASN B 37 5.57 12.46 -23.42
N CYS B 38 6.25 13.11 -24.36
CA CYS B 38 5.70 13.27 -25.69
C CYS B 38 6.32 12.33 -26.72
N VAL B 39 5.48 11.60 -27.42
CA VAL B 39 5.95 10.61 -28.39
C VAL B 39 5.50 10.93 -29.81
N THR B 40 6.48 11.09 -30.71
CA THR B 40 6.21 11.56 -32.06
C THR B 40 6.04 10.37 -33.00
N ASN B 41 5.40 10.60 -34.13
CA ASN B 41 5.30 9.58 -35.15
C ASN B 41 6.72 9.11 -35.47
N HIS B 42 7.63 10.07 -35.54
CA HIS B 42 9.05 9.79 -35.72
C HIS B 42 9.51 8.71 -34.74
N GLN B 43 9.33 8.98 -33.44
CA GLN B 43 9.78 8.07 -32.41
C GLN B 43 9.15 6.70 -32.57
N LEU B 44 7.84 6.69 -32.83
CA LEU B 44 7.09 5.44 -32.90
C LEU B 44 7.52 4.64 -34.12
N SER B 45 7.93 5.34 -35.17
CA SER B 45 8.35 4.67 -36.39
C SER B 45 9.74 4.06 -36.21
N GLU B 46 10.68 4.83 -35.68
CA GLU B 46 12.02 4.31 -35.40
C GLU B 46 11.89 3.02 -34.58
N MET B 47 10.94 3.05 -33.65
CA MET B 47 10.76 1.98 -32.69
C MET B 47 10.06 0.77 -33.31
N MET B 48 9.26 1.04 -34.35
CA MET B 48 8.32 0.06 -34.87
C MET B 48 8.76 -0.51 -36.21
N ASP B 49 9.26 0.37 -37.07
CA ASP B 49 9.68 0.04 -38.44
C ASP B 49 8.58 0.34 -39.46
N THR B 50 7.66 1.22 -39.07
CA THR B 50 6.54 1.57 -39.93
C THR B 50 6.97 2.46 -41.09
N ASP B 52 6.21 6.96 -43.35
CA ASP B 52 6.87 7.65 -42.25
C ASP B 52 5.89 8.51 -41.46
N GLU B 53 5.40 9.57 -42.09
CA GLU B 53 4.27 10.29 -41.54
C GLU B 53 3.13 10.12 -42.51
N TRP B 54 3.04 8.90 -43.05
CA TRP B 54 1.81 8.40 -43.63
C TRP B 54 0.83 8.23 -42.48
N ILE B 55 1.38 8.18 -41.26
CA ILE B 55 0.55 8.12 -40.06
C ILE B 55 -0.27 9.39 -39.92
N HIS B 56 0.35 10.53 -40.19
CA HIS B 56 -0.30 11.81 -40.02
C HIS B 56 -1.35 12.06 -41.08
N SER B 57 -1.07 11.64 -42.30
CA SER B 57 -2.00 11.86 -43.40
C SER B 57 -3.09 10.79 -43.32
N ARG B 58 -2.76 9.67 -42.70
CA ARG B 58 -3.73 8.60 -42.55
C ARG B 58 -4.73 8.94 -41.46
N THR B 59 -4.25 9.57 -40.38
CA THR B 59 -5.03 9.75 -39.16
C THR B 59 -5.14 11.20 -38.69
N GLY B 60 -4.20 12.04 -39.10
CA GLY B 60 -4.16 13.41 -38.59
C GLY B 60 -3.36 13.51 -37.30
N ILE B 61 -2.62 12.45 -36.99
CA ILE B 61 -1.83 12.37 -35.75
C ILE B 61 -0.36 12.69 -35.99
N SER B 62 0.23 13.50 -35.10
CA SER B 62 1.66 13.80 -35.16
C SER B 62 2.36 13.20 -33.95
N GLU B 63 1.71 13.30 -32.80
CA GLU B 63 2.28 12.87 -31.52
C GLU B 63 1.15 12.59 -30.51
N ARG B 64 1.38 11.63 -29.61
CA ARG B 64 0.58 11.55 -28.40
C ARG B 64 1.44 11.66 -27.14
N ARG B 65 0.77 11.85 -26.02
CA ARG B 65 1.41 11.77 -24.73
C ARG B 65 1.25 10.36 -24.16
N ILE B 66 2.32 9.83 -23.59
CA ILE B 66 2.31 8.47 -23.01
C ILE B 66 2.79 8.48 -21.55
N VAL B 67 2.12 7.73 -20.68
CA VAL B 67 2.52 7.70 -19.27
C VAL B 67 3.81 6.91 -19.06
N THR B 68 4.64 7.42 -18.16
CA THR B 68 5.90 6.78 -17.83
C THR B 68 5.87 6.33 -16.38
N GLN B 69 5.02 6.96 -15.58
CA GLN B 69 4.84 6.57 -14.18
C GLN B 69 3.39 6.64 -13.75
N GLU B 70 2.56 7.30 -14.55
CA GLU B 70 1.18 7.51 -14.14
C GLU B 70 0.23 6.41 -14.62
N ASN B 71 -0.70 6.05 -13.74
CA ASN B 71 -1.90 5.32 -14.15
C ASN B 71 -3.07 6.30 -14.23
N THR B 72 -4.24 5.79 -14.57
CA THR B 72 -5.40 6.60 -14.93
C THR B 72 -5.90 7.50 -13.80
N SER B 73 -5.87 6.99 -12.58
CA SER B 73 -6.34 7.79 -11.46
C SER B 73 -5.41 8.96 -11.22
N ASP B 74 -4.13 8.77 -11.53
CA ASP B 74 -3.16 9.85 -11.38
C ASP B 74 -3.55 11.01 -12.26
N LEU B 75 -3.95 10.69 -13.49
CA LEU B 75 -4.40 11.70 -14.43
C LEU B 75 -5.70 12.36 -13.99
N CYS B 76 -6.67 11.56 -13.56
CA CYS B 76 -8.00 12.12 -13.27
C CYS B 76 -7.94 12.98 -12.02
N HIS B 77 -7.11 12.55 -11.08
CA HIS B 77 -6.78 13.33 -9.88
C HIS B 77 -6.36 14.78 -10.25
N GLN B 78 -5.36 14.89 -11.14
CA GLN B 78 -4.87 16.20 -11.59
C GLN B 78 -5.99 17.07 -12.11
N VAL B 79 -6.81 16.48 -12.98
CA VAL B 79 -7.98 17.19 -13.50
C VAL B 79 -8.91 17.63 -12.39
N ALA B 80 -9.19 16.74 -11.44
CA ALA B 80 -10.06 17.07 -10.31
C ALA B 80 -9.47 18.20 -9.45
N LYS B 81 -8.17 18.11 -9.21
CA LYS B 81 -7.43 19.07 -8.42
C LYS B 81 -7.44 20.43 -9.12
N GLN B 82 -7.26 20.43 -10.44
CA GLN B 82 -7.25 21.67 -11.19
C GLN B 82 -8.60 22.31 -11.21
N LEU B 83 -9.66 21.51 -11.33
CA LEU B 83 -11.00 22.05 -11.40
C LEU B 83 -11.40 22.74 -10.10
N LEU B 84 -11.07 22.12 -8.99
CA LEU B 84 -11.25 22.74 -7.68
C LEU B 84 -10.47 24.05 -7.56
N GLU B 85 -9.23 24.06 -8.06
CA GLU B 85 -8.37 25.23 -7.96
C GLU B 85 -8.93 26.38 -8.77
N LYS B 86 -9.16 26.12 -10.06
CA LYS B 86 -9.56 27.16 -11.00
C LYS B 86 -10.92 27.73 -10.63
N SER B 87 -11.82 26.88 -10.18
CA SER B 87 -13.18 27.31 -9.86
C SER B 87 -13.28 27.85 -8.46
N GLY B 88 -12.35 27.46 -7.60
CA GLY B 88 -12.37 27.93 -6.23
C GLY B 88 -13.54 27.37 -5.45
N LYS B 89 -13.73 26.06 -5.51
CA LYS B 89 -14.72 25.36 -4.71
C LYS B 89 -13.96 24.46 -3.73
N GLN B 90 -14.57 24.14 -2.59
CA GLN B 90 -14.00 23.15 -1.68
C GLN B 90 -14.37 21.76 -2.18
N ALA B 91 -13.49 20.80 -1.94
CA ALA B 91 -13.77 19.41 -2.33
C ALA B 91 -15.12 18.97 -1.76
N SER B 92 -15.49 19.52 -0.61
CA SER B 92 -16.70 19.08 0.07
C SER B 92 -17.99 19.63 -0.56
N GLU B 93 -17.85 20.48 -1.57
CA GLU B 93 -18.99 20.94 -2.37
C GLU B 93 -19.41 19.89 -3.40
N ILE B 94 -18.43 19.12 -3.86
CA ILE B 94 -18.72 18.11 -4.86
C ILE B 94 -19.74 17.11 -4.31
N ASP B 95 -20.90 17.03 -4.96
CA ASP B 95 -21.90 16.04 -4.60
C ASP B 95 -21.61 14.70 -5.26
N PHE B 96 -20.88 14.71 -6.37
CA PHE B 96 -20.54 13.45 -7.03
C PHE B 96 -19.43 13.60 -8.06
N ILE B 97 -18.85 12.46 -8.41
CA ILE B 97 -17.72 12.35 -9.31
C ILE B 97 -17.91 11.13 -10.21
N LEU B 98 -18.15 11.37 -11.50
CA LEU B 98 -18.18 10.28 -12.48
C LEU B 98 -16.91 10.28 -13.32
N VAL B 99 -16.28 9.11 -13.42
CA VAL B 99 -15.21 8.93 -14.40
C VAL B 99 -15.62 7.98 -15.51
N ALA B 100 -15.44 8.43 -16.75
CA ALA B 100 -15.64 7.59 -17.93
C ALA B 100 -14.27 7.13 -18.38
N THR B 101 -13.95 5.88 -18.04
CA THR B 101 -12.72 5.28 -18.50
C THR B 101 -13.03 3.86 -18.90
N VAL B 102 -12.04 3.23 -19.51
CA VAL B 102 -12.17 1.88 -20.00
C VAL B 102 -10.75 1.30 -19.83
N THR B 103 -9.95 2.01 -19.03
CA THR B 103 -8.60 1.62 -18.65
C THR B 103 -8.32 1.98 -17.17
N PRO B 104 -9.24 1.59 -16.27
CA PRO B 104 -9.07 1.92 -14.84
C PRO B 104 -7.93 1.15 -14.17
N ASP B 105 -7.33 1.76 -13.15
CA ASP B 105 -6.29 1.11 -12.36
C ASP B 105 -6.75 -0.30 -11.97
N PHE B 106 -7.87 -0.37 -11.25
CA PHE B 106 -8.52 -1.62 -10.86
C PHE B 106 -9.93 -1.64 -11.43
N ASN B 107 -10.56 -2.81 -11.48
CA ASN B 107 -12.00 -2.86 -11.70
C ASN B 107 -12.64 -2.30 -10.46
N MET B 108 -12.09 -2.68 -9.31
CA MET B 108 -12.51 -2.18 -8.01
C MET B 108 -11.23 -1.93 -7.20
N PRO B 109 -11.07 -0.72 -6.65
CA PRO B 109 -11.97 0.44 -6.70
C PRO B 109 -12.12 1.07 -8.07
N SER B 110 -13.18 1.84 -8.25
CA SER B 110 -13.32 2.67 -9.44
C SER B 110 -12.28 3.78 -9.37
N VAL B 111 -11.98 4.37 -10.52
CA VAL B 111 -11.09 5.52 -10.58
C VAL B 111 -11.70 6.66 -9.79
N ALA B 112 -13.00 6.90 -9.98
CA ALA B 112 -13.71 7.99 -9.31
C ALA B 112 -13.57 7.94 -7.79
N CYS B 113 -13.66 6.75 -7.21
CA CYS B 113 -13.47 6.58 -5.77
C CYS B 113 -12.03 6.94 -5.39
N GLN B 114 -11.07 6.53 -6.20
CA GLN B 114 -9.67 6.88 -6.00
C GLN B 114 -9.45 8.39 -6.06
N VAL B 115 -10.08 9.03 -7.03
CA VAL B 115 -10.00 10.48 -7.17
C VAL B 115 -10.70 11.15 -5.99
N GLN B 116 -11.87 10.61 -5.63
CA GLN B 116 -12.68 11.19 -4.56
C GLN B 116 -11.92 11.15 -3.25
N GLY B 117 -11.23 10.04 -3.01
CA GLY B 117 -10.30 10.00 -1.90
C GLY B 117 -9.19 11.02 -2.06
N ALA B 118 -8.50 11.01 -3.20
CA ALA B 118 -7.29 11.80 -3.33
C ALA B 118 -7.51 13.29 -3.10
N ILE B 119 -8.71 13.78 -3.39
CA ILE B 119 -8.99 15.22 -3.27
C ILE B 119 -9.80 15.55 -2.01
N GLY B 120 -10.16 14.54 -1.24
CA GLY B 120 -10.90 14.81 -0.03
C GLY B 120 -12.30 15.31 -0.24
N ALA B 121 -12.95 14.89 -1.32
CA ALA B 121 -14.35 15.21 -1.55
C ALA B 121 -15.23 14.25 -0.76
N THR B 122 -15.20 14.39 0.57
CA THR B 122 -15.81 13.42 1.48
C THR B 122 -17.30 13.26 1.24
N GLU B 123 -17.93 14.29 0.70
CA GLU B 123 -19.38 14.31 0.58
C GLU B 123 -19.89 13.67 -0.72
N ALA B 124 -18.99 13.33 -1.63
CA ALA B 124 -19.40 12.83 -2.93
C ALA B 124 -19.56 11.30 -2.97
N PHE B 125 -20.59 10.84 -3.68
CA PHE B 125 -20.58 9.46 -4.18
C PHE B 125 -19.86 9.47 -5.53
N ALA B 126 -19.25 8.35 -5.91
CA ALA B 126 -18.52 8.31 -7.17
C ALA B 126 -18.58 6.93 -7.81
N PHE B 127 -18.64 6.89 -9.13
CA PHE B 127 -18.47 5.62 -9.84
C PHE B 127 -17.86 5.82 -11.22
N ASP B 128 -17.39 4.73 -11.84
CA ASP B 128 -16.92 4.80 -13.20
C ASP B 128 -18.02 4.36 -14.15
N ILE B 129 -17.98 4.89 -15.38
CA ILE B 129 -18.94 4.55 -16.44
C ILE B 129 -18.17 3.94 -17.59
N SER B 130 -18.62 2.78 -18.04
CA SER B 130 -17.94 2.07 -19.10
C SER B 130 -18.68 2.25 -20.43
N ALA B 131 -18.17 3.14 -21.28
CA ALA B 131 -18.84 3.43 -22.53
C ALA B 131 -17.83 3.82 -23.61
N ALA B 132 -16.60 3.31 -23.47
CA ALA B 132 -15.55 3.56 -24.44
C ALA B 132 -15.45 5.03 -24.81
N CYS B 133 -15.28 5.31 -26.10
CA CYS B 133 -15.09 6.67 -26.59
C CYS B 133 -16.33 7.55 -26.44
N SER B 134 -17.46 6.94 -26.06
CA SER B 134 -18.70 7.68 -25.83
C SER B 134 -18.82 8.04 -24.36
N GLY B 135 -17.90 7.50 -23.55
CA GLY B 135 -18.01 7.61 -22.11
C GLY B 135 -18.22 9.02 -21.59
N PHE B 136 -17.53 10.00 -22.16
CA PHE B 136 -17.66 11.35 -21.67
C PHE B 136 -19.04 11.99 -21.98
N VAL B 137 -19.58 11.69 -23.16
CA VAL B 137 -20.93 12.15 -23.49
C VAL B 137 -22.02 11.42 -22.68
N TYR B 138 -21.93 10.11 -22.60
CA TYR B 138 -22.79 9.34 -21.72
C TYR B 138 -22.75 9.91 -20.28
N ALA B 139 -21.56 10.18 -19.77
CA ALA B 139 -21.42 10.58 -18.36
C ALA B 139 -21.87 12.02 -18.11
N LEU B 140 -21.63 12.89 -19.08
CA LEU B 140 -22.09 14.26 -18.97
C LEU B 140 -23.62 14.24 -19.00
N SER B 141 -24.17 13.39 -19.87
CA SER B 141 -25.61 13.21 -19.92
C SER B 141 -26.16 12.70 -18.59
N MET B 142 -25.57 11.65 -18.04
CA MET B 142 -26.03 11.15 -16.74
C MET B 142 -25.84 12.21 -15.65
N ALA B 143 -24.75 12.98 -15.73
CA ALA B 143 -24.52 14.06 -14.77
C ALA B 143 -25.70 15.05 -14.77
N GLU B 144 -26.18 15.37 -15.97
CA GLU B 144 -27.29 16.29 -16.15
C GLU B 144 -28.55 15.77 -15.47
N LYS B 145 -28.79 14.46 -15.54
CA LYS B 145 -29.96 13.85 -14.89
C LYS B 145 -29.87 13.91 -13.36
N LEU B 146 -28.65 13.71 -12.84
CA LEU B 146 -28.43 13.69 -11.41
C LEU B 146 -28.76 15.07 -10.86
N VAL B 147 -28.51 16.10 -11.67
CA VAL B 147 -28.79 17.47 -11.28
C VAL B 147 -30.27 17.83 -11.43
N LEU B 148 -30.87 17.43 -12.55
CA LEU B 148 -32.29 17.72 -12.77
C LEU B 148 -33.15 17.21 -11.62
N SER B 149 -32.68 16.18 -10.92
CA SER B 149 -33.48 15.58 -9.87
C SER B 149 -33.62 16.52 -8.67
N GLY B 150 -32.76 17.54 -8.62
CA GLY B 150 -32.75 18.43 -7.48
C GLY B 150 -31.99 17.95 -6.25
N ARG B 151 -31.53 16.71 -6.26
CA ARG B 151 -30.87 16.13 -5.08
C ARG B 151 -29.37 16.42 -5.08
N TYR B 152 -28.83 16.81 -6.23
CA TYR B 152 -27.40 17.06 -6.37
C TYR B 152 -27.18 18.35 -7.19
N GLN B 153 -26.26 19.18 -6.71
CA GLN B 153 -26.06 20.49 -7.32
C GLN B 153 -24.72 20.58 -8.05
N THR B 154 -23.69 19.99 -7.45
CA THR B 154 -22.35 20.13 -8.00
C THR B 154 -21.71 18.76 -8.23
N GLY B 155 -21.18 18.55 -9.43
CA GLY B 155 -20.47 17.30 -9.70
C GLY B 155 -19.24 17.49 -10.57
N LEU B 156 -18.35 16.51 -10.55
CA LEU B 156 -17.20 16.50 -11.45
C LEU B 156 -17.34 15.36 -12.45
N VAL B 157 -17.24 15.68 -13.73
CA VAL B 157 -17.26 14.64 -14.76
C VAL B 157 -15.95 14.64 -15.52
N ILE B 158 -15.29 13.50 -15.55
CA ILE B 158 -13.92 13.41 -16.04
C ILE B 158 -13.77 12.17 -16.93
N GLY B 159 -13.22 12.37 -18.12
CA GLY B 159 -12.85 11.25 -18.95
C GLY B 159 -11.35 11.07 -18.89
N GLY B 160 -10.90 9.88 -18.57
CA GLY B 160 -9.47 9.66 -18.40
C GLY B 160 -9.06 8.28 -18.88
N GLU B 161 -7.84 8.16 -19.38
CA GLU B 161 -7.43 6.95 -20.07
C GLU B 161 -5.91 6.83 -20.13
N THR B 162 -5.42 5.62 -19.92
CA THR B 162 -4.02 5.28 -20.16
C THR B 162 -4.00 4.10 -21.10
N PHE B 163 -4.13 4.34 -22.39
CA PHE B 163 -4.29 3.25 -23.34
C PHE B 163 -2.98 2.55 -23.63
N SER B 164 -1.89 3.14 -23.18
CA SER B 164 -0.56 2.63 -23.50
C SER B 164 -0.29 1.28 -22.82
N LYS B 165 -1.03 0.98 -21.76
CA LYS B 165 -0.87 -0.30 -21.06
C LYS B 165 -1.78 -1.39 -21.65
N MET B 166 -2.61 -1.01 -22.61
CA MET B 166 -3.50 -1.96 -23.29
C MET B 166 -2.97 -2.31 -24.68
N LEU B 167 -2.13 -1.45 -25.23
CA LEU B 167 -1.68 -1.62 -26.60
C LEU B 167 -0.62 -2.69 -26.75
N ASP B 168 -0.77 -3.52 -27.76
CA ASP B 168 0.32 -4.36 -28.22
C ASP B 168 1.20 -3.51 -29.13
N TRP B 169 2.32 -3.05 -28.59
CA TRP B 169 3.14 -2.06 -29.27
C TRP B 169 3.89 -2.56 -30.48
N THR B 170 3.79 -3.86 -30.76
CA THR B 170 4.40 -4.42 -31.96
C THR B 170 3.40 -4.59 -33.09
N ASP B 171 2.14 -4.24 -32.84
CA ASP B 171 1.15 -4.12 -33.90
C ASP B 171 1.05 -2.66 -34.34
N ARG B 172 1.62 -2.33 -35.48
CA ARG B 172 1.64 -0.94 -35.92
C ARG B 172 0.27 -0.43 -36.38
N SER B 173 -0.68 -1.35 -36.56
CA SER B 173 -2.03 -1.02 -37.00
C SER B 173 -2.73 -0.06 -36.04
N THR B 174 -2.54 -0.31 -34.74
CA THR B 174 -3.27 0.42 -33.71
C THR B 174 -2.35 1.15 -32.72
N ALA B 175 -1.21 0.54 -32.43
CA ALA B 175 -0.21 1.12 -31.52
C ALA B 175 0.03 2.60 -31.79
N VAL B 176 -0.11 3.01 -33.06
CA VAL B 176 0.16 4.38 -33.44
C VAL B 176 -1.05 5.29 -33.16
N LEU B 177 -2.20 4.69 -32.88
CA LEU B 177 -3.46 5.44 -32.85
C LEU B 177 -3.77 6.11 -31.52
N PHE B 178 -3.48 5.42 -30.42
CA PHE B 178 -3.96 5.86 -29.12
C PHE B 178 -2.91 6.54 -28.26
N GLY B 179 -3.37 7.56 -27.51
CA GLY B 179 -2.53 8.16 -26.50
C GLY B 179 -3.17 8.09 -25.13
N ASP B 180 -2.43 8.55 -24.12
CA ASP B 180 -2.93 8.62 -22.76
C ASP B 180 -3.26 10.07 -22.40
N GLY B 181 -4.24 10.27 -21.52
CA GLY B 181 -4.58 11.62 -21.13
C GLY B 181 -5.81 11.70 -20.24
N ALA B 182 -6.18 12.93 -19.86
CA ALA B 182 -7.38 13.11 -19.08
C ALA B 182 -7.85 14.56 -19.08
N ALA B 183 -9.17 14.74 -19.02
CA ALA B 183 -9.74 16.07 -18.88
C ALA B 183 -11.17 15.90 -18.41
N GLY B 184 -11.78 17.00 -18.01
CA GLY B 184 -13.11 16.92 -17.45
C GLY B 184 -13.70 18.28 -17.24
N VAL B 185 -14.84 18.33 -16.56
CA VAL B 185 -15.49 19.59 -16.27
C VAL B 185 -16.08 19.54 -14.87
N LEU B 186 -16.28 20.72 -14.29
CA LEU B 186 -17.15 20.88 -13.14
C LEU B 186 -18.52 21.21 -13.72
N ILE B 187 -19.56 20.57 -13.19
CA ILE B 187 -20.92 20.88 -13.59
C ILE B 187 -21.76 21.21 -12.37
N GLU B 188 -22.40 22.38 -12.40
CA GLU B 188 -23.25 22.82 -11.31
C GLU B 188 -24.64 23.28 -11.77
N ALA B 189 -25.54 23.43 -10.82
CA ALA B 189 -26.92 23.81 -11.10
C ALA B 189 -26.98 25.24 -11.64
N ALA B 190 -28.05 25.55 -12.37
CA ALA B 190 -28.16 26.83 -13.05
C ALA B 190 -29.61 27.28 -13.15
N GLU B 191 -29.80 28.55 -13.47
CA GLU B 191 -31.13 29.12 -13.59
C GLU B 191 -31.73 28.80 -14.95
N THR B 192 -30.92 28.92 -16.01
CA THR B 192 -31.43 28.69 -17.35
C THR B 192 -30.87 27.41 -17.97
N PRO B 193 -31.62 26.81 -18.90
CA PRO B 193 -31.15 25.57 -19.54
C PRO B 193 -29.92 25.75 -20.41
N HIS B 194 -29.03 24.77 -20.38
CA HIS B 194 -27.88 24.76 -21.26
C HIS B 194 -27.84 23.46 -22.06
N PHE B 195 -28.00 22.34 -21.37
CA PHE B 195 -28.18 21.05 -22.02
C PHE B 195 -29.53 21.01 -22.73
N LEU B 196 -29.51 21.26 -24.04
CA LEU B 196 -30.74 21.48 -24.81
C LEU B 196 -31.42 20.22 -25.33
N ASN B 197 -30.63 19.31 -25.88
CA ASN B 197 -31.15 18.06 -26.41
C ASN B 197 -30.03 17.03 -26.45
N GLU B 198 -30.39 15.77 -26.63
CA GLU B 198 -29.40 14.70 -26.70
C GLU B 198 -29.96 13.45 -27.40
N LYS B 199 -29.08 12.69 -28.05
CA LYS B 199 -29.46 11.38 -28.54
C LYS B 199 -28.36 10.38 -28.21
N LEU B 200 -28.66 9.43 -27.35
CA LEU B 200 -27.68 8.41 -27.02
C LEU B 200 -28.09 7.08 -27.63
N GLN B 201 -27.15 6.43 -28.31
CA GLN B 201 -27.47 5.22 -29.05
C GLN B 201 -26.42 4.16 -28.80
N ALA B 202 -26.72 2.92 -29.20
CA ALA B 202 -25.75 1.84 -29.09
C ALA B 202 -26.17 0.66 -29.93
N ASP B 203 -25.22 -0.20 -30.26
CA ASP B 203 -25.50 -1.39 -31.04
C ASP B 203 -24.47 -2.46 -30.71
N GLY B 204 -24.82 -3.33 -29.75
CA GLY B 204 -23.91 -4.41 -29.39
C GLY B 204 -23.95 -5.56 -30.38
N GLN B 205 -24.71 -5.39 -31.46
CA GLN B 205 -24.70 -6.42 -32.49
C GLN B 205 -23.46 -6.25 -33.33
N ARG B 206 -22.67 -5.23 -33.01
CA ARG B 206 -21.37 -5.02 -33.65
C ARG B 206 -20.26 -4.81 -32.63
N TRP B 207 -20.38 -5.43 -31.47
CA TRP B 207 -19.40 -5.18 -30.42
C TRP B 207 -18.04 -5.76 -30.78
N ALA B 208 -18.03 -6.78 -31.65
CA ALA B 208 -16.78 -7.44 -32.01
C ALA B 208 -15.74 -6.46 -32.55
N ALA B 209 -16.20 -5.29 -32.97
CA ALA B 209 -15.42 -4.41 -33.85
C ALA B 209 -14.37 -3.58 -33.16
N LEU B 210 -14.31 -3.66 -31.83
CA LEU B 210 -13.42 -2.78 -31.09
C LEU B 210 -13.30 -3.19 -29.62
N THR B 211 -12.43 -4.15 -29.33
CA THR B 211 -12.32 -4.71 -27.99
C THR B 211 -11.02 -4.37 -27.25
N SER B 212 -11.09 -4.39 -25.92
CA SER B 212 -9.92 -4.28 -25.07
C SER B 212 -10.22 -4.68 -23.62
N GLY B 213 -9.25 -5.30 -22.97
CA GLY B 213 -9.37 -5.52 -21.54
C GLY B 213 -10.04 -6.80 -21.16
N TYR B 214 -10.03 -7.77 -22.07
CA TYR B 214 -10.59 -9.07 -21.75
C TYR B 214 -9.79 -9.72 -20.65
N THR B 215 -10.45 -10.25 -19.65
CA THR B 215 -9.71 -10.94 -18.60
C THR B 215 -10.11 -12.41 -18.53
N ILE B 216 -9.11 -13.27 -18.57
CA ILE B 216 -9.31 -14.69 -18.82
C ILE B 216 -9.66 -15.39 -17.52
N ASN B 217 -10.70 -16.23 -17.56
CA ASN B 217 -11.09 -16.97 -16.38
C ASN B 217 -10.28 -18.25 -16.29
N GLU B 218 -9.33 -18.30 -15.37
CA GLU B 218 -8.59 -19.54 -15.15
C GLU B 218 -8.84 -20.09 -13.76
N SER B 219 -10.10 -20.07 -13.34
CA SER B 219 -10.51 -20.78 -12.14
C SER B 219 -10.47 -22.27 -12.39
N PRO B 220 -10.31 -23.06 -11.33
CA PRO B 220 -10.32 -24.52 -11.48
C PRO B 220 -11.59 -25.08 -12.14
N PHE B 221 -12.65 -24.28 -12.20
CA PHE B 221 -13.94 -24.79 -12.67
C PHE B 221 -14.22 -24.41 -14.12
N TYR B 222 -13.32 -23.65 -14.72
CA TYR B 222 -13.60 -23.10 -16.03
C TYR B 222 -13.07 -23.99 -17.15
N GLN B 223 -13.91 -24.24 -18.15
CA GLN B 223 -13.52 -25.17 -19.21
C GLN B 223 -13.57 -24.58 -20.61
N GLY B 224 -13.81 -23.27 -20.70
CA GLY B 224 -13.71 -22.62 -21.99
C GLY B 224 -12.27 -22.24 -22.27
N HIS B 225 -11.93 -22.09 -23.55
CA HIS B 225 -10.57 -21.71 -23.93
C HIS B 225 -10.61 -20.58 -24.94
N LYS B 226 -11.67 -19.78 -24.81
CA LYS B 226 -11.80 -18.51 -25.51
C LYS B 226 -10.43 -17.84 -25.60
N GLN B 227 -10.11 -17.31 -26.78
CA GLN B 227 -8.84 -16.61 -26.96
C GLN B 227 -9.03 -15.16 -27.35
N ALA B 228 -9.88 -14.46 -26.62
CA ALA B 228 -9.98 -13.01 -26.75
C ALA B 228 -8.70 -12.36 -26.22
N SER B 229 -8.41 -11.18 -26.76
CA SER B 229 -7.18 -10.46 -26.46
C SER B 229 -7.35 -9.67 -25.14
N LYS B 230 -6.27 -9.50 -24.39
CA LYS B 230 -6.26 -8.53 -23.31
C LYS B 230 -5.93 -7.16 -23.90
N THR B 231 -5.07 -7.16 -24.91
CA THR B 231 -4.71 -5.93 -25.59
C THR B 231 -5.72 -5.51 -26.64
N LEU B 232 -5.87 -4.21 -26.80
CA LEU B 232 -6.86 -3.63 -27.69
C LEU B 232 -6.85 -4.27 -29.05
N GLN B 233 -8.03 -4.40 -29.65
CA GLN B 233 -8.14 -4.85 -31.03
C GLN B 233 -9.36 -4.23 -31.70
N MET B 234 -9.18 -3.66 -32.89
CA MET B 234 -10.31 -3.13 -33.63
C MET B 234 -10.37 -3.66 -35.05
N GLU B 235 -11.58 -3.72 -35.60
CA GLU B 235 -11.76 -3.94 -37.02
C GLU B 235 -11.82 -2.58 -37.70
N GLY B 236 -10.70 -2.18 -38.30
CA GLY B 236 -10.54 -0.82 -38.77
C GLY B 236 -11.61 -0.35 -39.73
N ARG B 237 -11.95 -1.18 -40.71
CA ARG B 237 -12.87 -0.78 -41.75
C ARG B 237 -14.30 -0.61 -41.21
N SER B 238 -14.67 -1.44 -40.24
CA SER B 238 -16.05 -1.47 -39.74
C SER B 238 -16.42 -0.23 -38.94
N ILE B 239 -15.61 0.08 -37.92
CA ILE B 239 -15.84 1.26 -37.12
C ILE B 239 -15.80 2.56 -37.94
N PHE B 240 -14.89 2.62 -38.91
CA PHE B 240 -14.80 3.78 -39.80
C PHE B 240 -16.10 3.99 -40.56
N ASP B 241 -16.57 2.91 -41.18
CA ASP B 241 -17.82 2.94 -41.91
C ASP B 241 -18.97 3.29 -40.97
N PHE B 242 -18.97 2.68 -39.78
CA PHE B 242 -19.98 2.93 -38.75
C PHE B 242 -20.06 4.39 -38.34
N ALA B 243 -18.91 5.05 -38.30
CA ALA B 243 -18.84 6.44 -37.88
C ALA B 243 -19.57 7.33 -38.88
N ILE B 244 -19.21 7.18 -40.14
CA ILE B 244 -19.71 8.09 -41.15
C ILE B 244 -21.21 7.99 -41.25
N LYS B 245 -21.74 6.78 -41.41
CA LYS B 245 -23.17 6.58 -41.60
C LYS B 245 -23.97 6.93 -40.35
N ASP B 246 -23.62 6.30 -39.25
CA ASP B 246 -24.44 6.35 -38.05
C ASP B 246 -24.28 7.61 -37.23
N VAL B 247 -23.05 8.06 -37.07
CA VAL B 247 -22.78 9.25 -36.27
C VAL B 247 -23.33 10.47 -37.00
N SER B 248 -23.15 10.50 -38.32
CA SER B 248 -23.72 11.57 -39.11
C SER B 248 -25.22 11.69 -38.90
N GLN B 249 -25.95 10.57 -38.95
CA GLN B 249 -27.38 10.62 -38.70
C GLN B 249 -27.71 11.08 -37.29
N ASN B 250 -26.92 10.65 -36.31
CA ASN B 250 -27.14 11.03 -34.94
C ASN B 250 -26.98 12.54 -34.74
N ILE B 251 -25.93 13.12 -35.31
CA ILE B 251 -25.75 14.56 -35.25
C ILE B 251 -26.94 15.27 -35.90
N LEU B 252 -27.27 14.88 -37.13
CA LEU B 252 -28.37 15.52 -37.86
C LEU B 252 -29.71 15.35 -37.14
N SER B 253 -29.76 14.38 -36.24
CA SER B 253 -30.90 14.19 -35.35
C SER B 253 -31.08 15.38 -34.42
N LEU B 254 -30.00 16.14 -34.18
CA LEU B 254 -30.09 17.25 -33.24
C LEU B 254 -29.96 18.63 -33.88
N VAL B 255 -29.09 18.76 -34.87
CA VAL B 255 -28.84 20.05 -35.51
C VAL B 255 -28.67 19.97 -37.04
N THR B 256 -28.95 21.07 -37.73
CA THR B 256 -28.42 21.31 -39.07
C THR B 256 -27.37 22.43 -38.99
N ASP B 257 -26.85 22.87 -40.12
CA ASP B 257 -25.82 23.89 -40.07
C ASP B 257 -26.36 25.18 -39.44
N GLU B 258 -27.63 25.48 -39.68
CA GLU B 258 -28.22 26.71 -39.16
C GLU B 258 -28.30 26.76 -37.63
N THR B 259 -28.26 25.61 -36.96
CA THR B 259 -28.52 25.57 -35.53
C THR B 259 -27.32 25.19 -34.66
N VAL B 260 -26.18 24.93 -35.28
CA VAL B 260 -24.97 24.61 -34.53
C VAL B 260 -23.84 25.56 -34.88
N ASP B 261 -23.04 25.91 -33.87
CA ASP B 261 -21.89 26.79 -34.06
C ASP B 261 -20.56 26.03 -34.02
N TYR B 262 -20.40 25.09 -33.08
CA TYR B 262 -19.22 24.21 -33.06
C TYR B 262 -19.58 22.75 -32.78
N LEU B 263 -18.73 21.84 -33.24
CA LEU B 263 -18.89 20.43 -32.91
C LEU B 263 -17.58 19.85 -32.42
N LEU B 264 -17.60 19.31 -31.21
CA LEU B 264 -16.46 18.56 -30.68
C LEU B 264 -16.73 17.08 -30.78
N LEU B 265 -16.11 16.43 -31.76
CA LEU B 265 -16.31 15.01 -31.96
C LEU B 265 -15.17 14.23 -31.36
N HIS B 266 -15.44 13.00 -30.96
CA HIS B 266 -14.38 12.11 -30.54
C HIS B 266 -13.20 12.19 -31.51
N GLN B 267 -12.04 12.57 -31.01
CA GLN B 267 -10.85 12.78 -31.86
C GLN B 267 -10.17 11.49 -32.27
N ALA B 268 -10.85 10.63 -33.03
CA ALA B 268 -10.27 9.33 -33.37
C ALA B 268 -9.59 9.28 -34.73
N ASN B 269 -10.07 10.10 -35.67
CA ASN B 269 -9.46 10.18 -36.99
C ASN B 269 -9.98 11.42 -37.72
N VAL B 270 -9.06 12.21 -38.27
CA VAL B 270 -9.42 13.47 -38.91
C VAL B 270 -10.21 13.20 -40.18
N ARG B 271 -10.01 12.01 -40.75
CA ARG B 271 -10.68 11.68 -41.99
C ARG B 271 -12.15 11.44 -41.68
N ILE B 272 -12.44 10.93 -40.49
CA ILE B 272 -13.82 10.75 -40.07
C ILE B 272 -14.45 12.12 -39.97
N ILE B 273 -13.71 13.05 -39.38
CA ILE B 273 -14.21 14.41 -39.22
C ILE B 273 -14.56 15.02 -40.57
N ASP B 274 -13.63 14.93 -41.53
CA ASP B 274 -13.87 15.38 -42.90
C ASP B 274 -15.16 14.78 -43.46
N LYS B 275 -15.24 13.45 -43.46
CA LYS B 275 -16.37 12.76 -44.06
C LYS B 275 -17.64 13.21 -43.38
N ILE B 276 -17.69 13.07 -42.06
CA ILE B 276 -18.91 13.42 -41.32
C ILE B 276 -19.36 14.84 -41.65
N ALA B 277 -18.41 15.71 -41.95
CA ALA B 277 -18.74 17.09 -42.26
C ALA B 277 -19.45 17.21 -43.62
N ARG B 278 -18.97 16.47 -44.61
CA ARG B 278 -19.57 16.52 -45.94
C ARG B 278 -20.95 15.86 -45.95
N LYS B 279 -21.06 14.73 -45.26
CA LYS B 279 -22.33 14.00 -45.18
C LYS B 279 -23.39 14.88 -44.55
N THR B 280 -23.00 15.55 -43.48
CA THR B 280 -23.92 16.25 -42.59
C THR B 280 -24.21 17.68 -43.09
N LYS B 281 -23.41 18.12 -44.05
CA LYS B 281 -23.51 19.48 -44.59
C LYS B 281 -23.33 20.52 -43.51
N ILE B 282 -22.49 20.21 -42.53
CA ILE B 282 -22.17 21.19 -41.52
C ILE B 282 -20.75 21.71 -41.75
N SER B 283 -20.59 23.03 -41.72
CA SER B 283 -19.33 23.68 -42.05
C SER B 283 -18.13 22.99 -41.38
N ARG B 284 -17.14 22.63 -42.18
CA ARG B 284 -16.03 21.83 -41.67
C ARG B 284 -15.26 22.63 -40.61
N GLU B 285 -15.20 23.95 -40.79
CA GLU B 285 -14.55 24.82 -39.81
C GLU B 285 -15.08 24.60 -38.39
N LYS B 286 -16.35 24.24 -38.28
CA LYS B 286 -17.03 24.20 -36.99
C LYS B 286 -16.67 22.95 -36.19
N PHE B 287 -15.97 22.01 -36.84
CA PHE B 287 -15.52 20.79 -36.19
C PHE B 287 -14.11 20.99 -35.66
N LEU B 288 -13.97 21.23 -34.35
CA LEU B 288 -12.65 21.43 -33.79
C LEU B 288 -11.83 20.14 -33.82
N THR B 289 -10.51 20.29 -33.92
CA THR B 289 -9.60 19.17 -34.09
C THR B 289 -8.42 19.21 -33.12
N ASN B 290 -7.81 18.06 -32.85
CA ASN B 290 -6.93 17.91 -31.70
C ASN B 290 -5.99 16.71 -31.83
N MET B 291 -6.37 15.75 -32.65
CA MET B 291 -5.68 14.46 -32.63
C MET B 291 -4.23 14.56 -33.11
N ASP B 292 -3.82 15.74 -33.57
CA ASP B 292 -2.45 15.96 -34.04
C ASP B 292 -1.50 15.97 -32.85
N LYS B 293 -2.00 16.42 -31.72
CA LYS B 293 -1.18 16.52 -30.52
C LYS B 293 -1.42 15.34 -29.56
N TYR B 294 -2.61 14.77 -29.58
CA TYR B 294 -2.97 13.82 -28.54
C TYR B 294 -3.37 12.46 -29.07
N GLY B 295 -3.61 12.38 -30.37
CA GLY B 295 -4.12 11.16 -30.93
C GLY B 295 -5.44 10.81 -30.28
N ASN B 296 -5.80 9.53 -30.35
CA ASN B 296 -7.03 9.04 -29.77
C ASN B 296 -6.91 8.63 -28.30
N THR B 297 -7.49 9.45 -27.43
CA THR B 297 -7.48 9.22 -25.99
C THR B 297 -8.87 8.81 -25.50
N SER B 298 -9.67 8.26 -26.40
CA SER B 298 -10.99 7.72 -26.07
C SER B 298 -11.88 8.69 -25.29
N ALA B 299 -12.22 8.32 -24.06
CA ALA B 299 -13.20 9.07 -23.29
C ALA B 299 -12.68 10.45 -22.92
N ALA B 300 -11.36 10.61 -22.99
CA ALA B 300 -10.73 11.85 -22.61
C ALA B 300 -10.75 12.85 -23.76
N SER B 301 -10.92 12.33 -24.97
CA SER B 301 -10.65 13.11 -26.16
C SER B 301 -11.48 14.40 -26.25
N ILE B 302 -12.80 14.29 -26.08
CA ILE B 302 -13.65 15.46 -26.14
C ILE B 302 -13.27 16.49 -25.06
N PRO B 303 -13.21 16.06 -23.78
CA PRO B 303 -12.89 17.04 -22.73
C PRO B 303 -11.52 17.72 -22.87
N ILE B 304 -10.54 17.02 -23.43
CA ILE B 304 -9.24 17.62 -23.74
C ILE B 304 -9.38 18.74 -24.77
N LEU B 305 -9.99 18.42 -25.90
CA LEU B 305 -10.33 19.38 -26.93
C LEU B 305 -11.09 20.57 -26.35
N LEU B 306 -12.21 20.29 -25.68
CA LEU B 306 -13.00 21.33 -25.06
C LEU B 306 -12.14 22.31 -24.26
N ASP B 307 -11.25 21.81 -23.43
CA ASP B 307 -10.50 22.67 -22.52
C ASP B 307 -9.48 23.47 -23.31
N GLU B 308 -8.90 22.87 -24.33
CA GLU B 308 -8.00 23.61 -25.20
C GLU B 308 -8.71 24.75 -25.90
N ALA B 309 -9.93 24.47 -26.38
CA ALA B 309 -10.69 25.46 -27.14
C ALA B 309 -11.05 26.64 -26.26
N VAL B 310 -11.25 26.37 -24.97
CA VAL B 310 -11.60 27.40 -24.01
C VAL B 310 -10.38 28.25 -23.64
N GLU B 311 -9.24 27.58 -23.48
CA GLU B 311 -7.96 28.20 -23.18
C GLU B 311 -7.40 28.93 -24.40
N ASN B 312 -7.72 28.40 -25.59
CA ASN B 312 -7.46 29.09 -26.85
C ASN B 312 -8.26 30.39 -26.92
N GLY B 313 -9.44 30.40 -26.30
CA GLY B 313 -10.37 31.50 -26.50
C GLY B 313 -11.42 31.24 -27.57
N THR B 314 -11.38 30.07 -28.19
CA THR B 314 -12.38 29.71 -29.20
C THR B 314 -13.77 29.61 -28.57
N LEU B 315 -13.86 28.86 -27.47
CA LEU B 315 -15.12 28.72 -26.77
C LEU B 315 -15.03 29.48 -25.44
N ILE B 316 -16.14 30.09 -25.04
CA ILE B 316 -16.18 30.87 -23.81
C ILE B 316 -17.39 30.47 -23.00
N LEU B 317 -17.17 29.96 -21.79
CA LEU B 317 -18.30 29.60 -20.96
C LEU B 317 -19.19 30.83 -20.81
N GLY B 318 -20.48 30.65 -20.99
CA GLY B 318 -21.41 31.77 -20.91
C GLY B 318 -21.60 32.54 -22.22
N SER B 319 -20.88 32.17 -23.27
CA SER B 319 -20.97 32.89 -24.53
C SER B 319 -22.32 32.64 -25.21
N GLN B 320 -22.97 31.54 -24.82
CA GLN B 320 -24.18 31.06 -25.49
C GLN B 320 -23.90 30.51 -26.86
N GLN B 321 -22.62 30.31 -27.18
CA GLN B 321 -22.26 29.55 -28.38
C GLN B 321 -23.01 28.21 -28.38
N ARG B 322 -23.56 27.82 -29.52
CA ARG B 322 -24.22 26.52 -29.64
C ARG B 322 -23.23 25.42 -30.00
N VAL B 323 -23.05 24.48 -29.08
CA VAL B 323 -22.00 23.49 -29.19
C VAL B 323 -22.60 22.09 -29.07
N VAL B 324 -22.28 21.21 -30.01
CA VAL B 324 -22.61 19.81 -29.83
C VAL B 324 -21.38 18.92 -29.59
N LEU B 325 -21.44 18.15 -28.51
CA LEU B 325 -20.46 17.11 -28.22
C LEU B 325 -21.00 15.74 -28.68
N THR B 326 -20.24 15.05 -29.52
CA THR B 326 -20.69 13.75 -29.97
C THR B 326 -19.57 12.72 -29.93
N GLY B 327 -19.84 11.61 -29.25
CA GLY B 327 -18.83 10.59 -29.11
C GLY B 327 -19.25 9.31 -29.79
N PHE B 328 -18.29 8.44 -30.08
CA PHE B 328 -18.59 7.16 -30.68
C PHE B 328 -17.40 6.29 -30.50
N GLY B 329 -17.64 4.99 -30.29
CA GLY B 329 -16.57 4.04 -30.10
C GLY B 329 -17.04 2.64 -29.78
N GLY B 330 -16.22 1.90 -29.03
CA GLY B 330 -16.57 0.55 -28.64
C GLY B 330 -17.95 0.44 -28.03
N GLY B 331 -18.53 -0.75 -28.10
CA GLY B 331 -19.91 -0.92 -27.69
C GLY B 331 -20.66 -1.77 -28.67
N LEU B 332 -21.02 -1.24 -29.85
CA LEU B 332 -20.66 0.11 -30.27
C LEU B 332 -21.51 1.13 -29.53
N THR B 333 -20.95 2.32 -29.34
CA THR B 333 -21.70 3.38 -28.69
C THR B 333 -21.58 4.68 -29.47
N TRP B 334 -22.61 5.50 -29.39
CA TRP B 334 -22.47 6.87 -29.86
C TRP B 334 -23.52 7.74 -29.24
N GLY B 335 -23.26 9.04 -29.17
CA GLY B 335 -24.23 9.95 -28.61
C GLY B 335 -23.78 11.39 -28.80
N SER B 336 -24.76 12.29 -28.89
CA SER B 336 -24.48 13.71 -29.03
C SER B 336 -25.21 14.50 -27.95
N LEU B 337 -24.58 15.59 -27.52
CA LEU B 337 -25.24 16.56 -26.67
C LEU B 337 -25.28 17.90 -27.39
N LEU B 338 -26.42 18.57 -27.35
CA LEU B 338 -26.48 19.94 -27.80
C LEU B 338 -26.62 20.82 -26.59
N LEU B 339 -25.61 21.63 -26.34
CA LEU B 339 -25.65 22.55 -25.23
C LEU B 339 -25.30 23.95 -25.64
N THR B 340 -25.94 24.92 -24.99
CA THR B 340 -25.59 26.31 -25.15
C THR B 340 -24.63 26.68 -24.02
N LEU B 341 -23.42 27.10 -24.40
CA LEU B 341 -22.32 27.21 -23.46
C LEU B 341 -22.51 28.39 -22.51
N LYS C 22 47.20 -7.36 13.28
CA LYS C 22 46.23 -8.44 13.65
C LYS C 22 44.82 -7.89 13.85
N ASN C 23 44.16 -7.53 12.76
CA ASN C 23 42.83 -6.94 12.85
C ASN C 23 41.86 -7.48 11.79
N TYR C 24 41.97 -8.76 11.49
CA TYR C 24 41.04 -9.41 10.58
C TYR C 24 40.04 -10.23 11.35
N ALA C 25 38.77 -9.87 11.23
CA ALA C 25 37.70 -10.64 11.83
C ALA C 25 37.78 -12.10 11.42
N ARG C 26 37.46 -13.00 12.34
CA ARG C 26 37.51 -14.45 12.10
C ARG C 26 36.41 -15.12 12.92
N ILE C 27 35.86 -16.21 12.40
CA ILE C 27 34.83 -16.93 13.13
C ILE C 27 35.43 -18.12 13.85
N SER C 28 35.40 -18.09 15.19
CA SER C 28 36.13 -19.07 15.99
C SER C 28 35.26 -20.10 16.68
N CYS C 29 33.97 -19.82 16.80
CA CYS C 29 33.05 -20.76 17.43
C CYS C 29 31.65 -20.51 16.90
N THR C 30 30.82 -21.53 16.90
CA THR C 30 29.43 -21.36 16.52
C THR C 30 28.55 -22.10 17.52
N SER C 31 27.27 -21.76 17.52
CA SER C 31 26.36 -22.34 18.49
C SER C 31 24.93 -21.95 18.18
N ARG C 32 23.99 -22.78 18.63
CA ARG C 32 22.58 -22.59 18.33
C ARG C 32 21.73 -23.01 19.51
N TYR C 33 20.59 -22.34 19.68
CA TYR C 33 19.61 -22.74 20.67
C TYR C 33 18.18 -22.56 20.12
N VAL C 34 17.35 -23.59 20.24
CA VAL C 34 15.93 -23.48 19.95
C VAL C 34 15.09 -23.90 21.15
N PRO C 35 13.81 -23.51 21.16
CA PRO C 35 12.91 -23.90 22.26
C PRO C 35 12.80 -25.41 22.35
N GLU C 36 12.40 -25.91 23.52
CA GLU C 36 12.22 -27.35 23.71
C GLU C 36 10.90 -27.77 23.09
N ASN C 37 9.96 -26.84 23.07
CA ASN C 37 8.65 -27.11 22.52
C ASN C 37 8.75 -27.43 21.02
N CYS C 38 8.44 -28.67 20.66
CA CYS C 38 8.44 -29.08 19.27
C CYS C 38 6.98 -29.08 18.79
N VAL C 39 6.71 -28.31 17.74
CA VAL C 39 5.37 -28.22 17.20
C VAL C 39 5.29 -28.90 15.83
N THR C 40 4.60 -30.04 15.77
CA THR C 40 4.45 -30.79 14.53
C THR C 40 3.38 -30.20 13.62
N ASN C 41 3.48 -30.49 12.33
CA ASN C 41 2.47 -30.06 11.39
C ASN C 41 1.11 -30.45 11.98
N HIS C 42 1.02 -31.72 12.38
CA HIS C 42 -0.25 -32.27 12.77
C HIS C 42 -0.89 -31.45 13.89
N GLN C 43 -0.09 -30.91 14.79
CA GLN C 43 -0.62 -30.05 15.83
C GLN C 43 -1.24 -28.81 15.23
N LEU C 44 -0.64 -28.32 14.15
CA LEU C 44 -1.09 -27.10 13.53
C LEU C 44 -2.26 -27.37 12.60
N SER C 45 -2.16 -28.44 11.82
CA SER C 45 -3.25 -28.80 10.90
C SER C 45 -4.48 -29.24 11.69
N GLU C 46 -4.27 -29.62 12.94
CA GLU C 46 -5.38 -29.86 13.85
C GLU C 46 -5.93 -28.49 14.29
N MET C 47 -5.02 -27.62 14.72
CA MET C 47 -5.34 -26.31 15.26
C MET C 47 -5.99 -25.39 14.24
N MET C 48 -5.53 -25.43 13.00
CA MET C 48 -6.04 -24.55 11.95
C MET C 48 -7.01 -25.26 11.00
N ASP C 49 -7.22 -26.55 11.24
CA ASP C 49 -8.21 -27.35 10.52
C ASP C 49 -7.85 -27.54 9.03
N THR C 50 -6.69 -28.14 8.80
CA THR C 50 -6.22 -28.50 7.47
C THR C 50 -5.51 -29.86 7.58
N SER C 51 -4.59 -30.16 6.67
CA SER C 51 -3.88 -31.44 6.69
C SER C 51 -2.37 -31.29 6.84
N ASP C 52 -1.71 -32.37 7.28
CA ASP C 52 -0.27 -32.40 7.44
C ASP C 52 0.39 -32.11 6.10
N GLU C 53 -0.18 -32.69 5.05
CA GLU C 53 0.44 -32.66 3.72
C GLU C 53 0.24 -31.33 3.01
N TRP C 54 -0.86 -30.64 3.30
CA TRP C 54 -1.09 -29.33 2.71
C TRP C 54 0.00 -28.41 3.21
N ILE C 55 0.30 -28.54 4.50
CA ILE C 55 1.34 -27.75 5.14
C ILE C 55 2.69 -28.16 4.61
N HIS C 56 2.96 -29.45 4.67
CA HIS C 56 4.29 -29.94 4.33
C HIS C 56 4.64 -29.69 2.88
N SER C 57 3.65 -29.84 1.99
CA SER C 57 3.93 -29.73 0.56
C SER C 57 4.12 -28.26 0.20
N ARG C 58 3.49 -27.38 0.98
CA ARG C 58 3.62 -25.95 0.73
C ARG C 58 4.94 -25.40 1.28
N THR C 59 5.33 -25.84 2.48
CA THR C 59 6.47 -25.26 3.18
C THR C 59 7.73 -26.07 3.05
N GLY C 60 7.59 -27.38 2.89
CA GLY C 60 8.75 -28.26 2.98
C GLY C 60 9.23 -28.38 4.43
N ILE C 61 8.32 -28.18 5.38
CA ILE C 61 8.64 -28.24 6.80
C ILE C 61 7.95 -29.41 7.49
N SER C 62 8.62 -30.03 8.45
CA SER C 62 8.01 -31.11 9.22
C SER C 62 7.64 -30.71 10.64
N GLU C 63 8.47 -29.87 11.26
CA GLU C 63 8.13 -29.30 12.57
C GLU C 63 8.93 -28.02 12.89
N ARG C 64 8.36 -27.16 13.74
CA ARG C 64 9.07 -25.97 14.25
C ARG C 64 9.24 -26.04 15.76
N ARG C 65 10.05 -25.13 16.28
CA ARG C 65 10.06 -24.85 17.70
C ARG C 65 9.37 -23.52 17.94
N ILE C 66 8.44 -23.51 18.89
CA ILE C 66 7.75 -22.30 19.30
C ILE C 66 8.05 -22.15 20.79
N VAL C 67 8.41 -20.93 21.22
CA VAL C 67 8.65 -20.67 22.64
C VAL C 67 7.35 -20.77 23.41
N THR C 68 7.42 -21.36 24.59
CA THR C 68 6.27 -21.34 25.48
C THR C 68 6.55 -20.41 26.66
N GLN C 69 7.79 -20.43 27.15
CA GLN C 69 8.16 -19.61 28.29
C GLN C 69 9.12 -18.51 27.87
N GLU C 70 10.00 -18.80 26.92
CA GLU C 70 11.12 -17.91 26.59
C GLU C 70 10.77 -16.77 25.63
N ASN C 71 11.57 -15.71 25.70
CA ASN C 71 11.49 -14.61 24.75
C ASN C 71 12.81 -14.57 23.98
N THR C 72 12.98 -13.63 23.06
CA THR C 72 14.16 -13.63 22.22
C THR C 72 15.45 -13.56 23.05
N SER C 73 15.41 -12.77 24.12
CA SER C 73 16.61 -12.51 24.91
C SER C 73 17.06 -13.80 25.56
N ASP C 74 16.09 -14.58 26.01
CA ASP C 74 16.35 -15.88 26.63
C ASP C 74 17.05 -16.82 25.66
N LEU C 75 16.56 -16.88 24.42
CA LEU C 75 17.16 -17.74 23.42
C LEU C 75 18.57 -17.24 23.08
N CYS C 76 18.70 -15.92 22.93
CA CYS C 76 19.99 -15.34 22.60
C CYS C 76 20.98 -15.50 23.74
N HIS C 77 20.49 -15.39 24.96
CA HIS C 77 21.30 -15.69 26.14
C HIS C 77 21.97 -17.06 25.98
N GLN C 78 21.17 -18.10 25.81
CA GLN C 78 21.74 -19.44 25.63
C GLN C 78 22.87 -19.51 24.61
N VAL C 79 22.70 -18.86 23.47
CA VAL C 79 23.76 -18.87 22.48
C VAL C 79 25.02 -18.22 23.06
N ALA C 80 24.86 -17.09 23.72
CA ALA C 80 26.00 -16.42 24.34
C ALA C 80 26.67 -17.37 25.34
N LYS C 81 25.86 -18.02 26.17
CA LYS C 81 26.34 -19.00 27.13
C LYS C 81 27.11 -20.10 26.41
N GLN C 82 26.47 -20.72 25.43
CA GLN C 82 27.06 -21.88 24.78
C GLN C 82 28.31 -21.51 24.00
N LEU C 83 28.31 -20.33 23.40
CA LEU C 83 29.50 -19.82 22.75
C LEU C 83 30.59 -19.62 23.80
N LEU C 84 30.21 -19.14 24.97
CA LEU C 84 31.18 -18.90 26.02
C LEU C 84 31.77 -20.22 26.54
N GLU C 85 30.90 -21.18 26.83
CA GLU C 85 31.34 -22.49 27.29
C GLU C 85 32.17 -23.20 26.23
N LYS C 86 31.56 -23.47 25.09
CA LYS C 86 32.22 -24.25 24.05
C LYS C 86 33.63 -23.72 23.81
N SER C 87 33.76 -22.40 23.77
CA SER C 87 34.99 -21.77 23.27
C SER C 87 36.05 -21.51 24.34
N GLY C 88 35.62 -21.41 25.60
CA GLY C 88 36.57 -21.21 26.68
C GLY C 88 36.68 -19.78 27.14
N LYS C 89 36.16 -18.84 26.34
CA LYS C 89 36.25 -17.42 26.64
C LYS C 89 35.54 -17.02 27.93
N GLN C 90 36.01 -15.93 28.52
CA GLN C 90 35.33 -15.28 29.64
C GLN C 90 34.43 -14.19 29.08
N ALA C 91 33.34 -13.89 29.78
CA ALA C 91 32.49 -12.79 29.38
C ALA C 91 33.31 -11.51 29.32
N SER C 92 34.23 -11.36 30.26
CA SER C 92 35.06 -10.15 30.31
C SER C 92 35.85 -9.93 29.01
N GLU C 93 36.18 -11.01 28.31
CA GLU C 93 36.89 -10.91 27.04
C GLU C 93 36.03 -10.38 25.87
N ILE C 94 34.70 -10.49 25.99
CA ILE C 94 33.80 -10.02 24.95
C ILE C 94 33.88 -8.49 24.83
N ASP C 95 34.17 -7.98 23.63
CA ASP C 95 34.26 -6.53 23.43
C ASP C 95 32.95 -5.90 22.91
N PHE C 96 32.28 -6.60 22.01
CA PHE C 96 30.93 -6.20 21.59
C PHE C 96 30.01 -7.42 21.42
N ILE C 97 28.71 -7.14 21.44
CA ILE C 97 27.71 -8.18 21.24
C ILE C 97 26.69 -7.62 20.25
N LEU C 98 26.57 -8.26 19.08
CA LEU C 98 25.57 -7.87 18.09
C LEU C 98 24.43 -8.88 18.02
N VAL C 99 23.20 -8.40 18.16
CA VAL C 99 22.05 -9.26 17.96
C VAL C 99 21.22 -8.83 16.77
N ALA C 100 21.10 -9.72 15.79
CA ALA C 100 20.19 -9.53 14.67
C ALA C 100 18.81 -10.01 15.07
N THR C 101 17.89 -9.07 15.30
CA THR C 101 16.51 -9.45 15.57
C THR C 101 15.50 -8.43 15.05
N VAL C 102 14.25 -8.85 14.99
CA VAL C 102 13.18 -7.97 14.55
C VAL C 102 11.99 -8.34 15.43
N THR C 103 12.26 -9.13 16.45
CA THR C 103 11.26 -9.46 17.44
C THR C 103 11.83 -9.38 18.86
N PRO C 104 12.39 -8.22 19.24
CA PRO C 104 13.01 -8.09 20.56
C PRO C 104 11.97 -8.10 21.67
N ASP C 105 12.37 -8.59 22.84
CA ASP C 105 11.55 -8.47 24.03
C ASP C 105 11.01 -7.05 24.10
N PHE C 106 11.93 -6.08 24.10
CA PHE C 106 11.61 -4.65 24.23
C PHE C 106 12.21 -3.91 23.03
N ASN C 107 11.82 -2.66 22.81
CA ASN C 107 12.63 -1.78 21.95
C ASN C 107 13.84 -1.31 22.75
N MET C 108 13.60 -1.15 24.05
CA MET C 108 14.56 -0.63 25.00
C MET C 108 14.24 -1.40 26.28
N PRO C 109 15.23 -2.13 26.86
CA PRO C 109 16.58 -2.37 26.37
C PRO C 109 16.62 -3.15 25.07
N SER C 110 17.80 -3.25 24.48
CA SER C 110 18.02 -4.12 23.35
C SER C 110 18.25 -5.52 23.90
N VAL C 111 18.06 -6.51 23.05
CA VAL C 111 18.31 -7.88 23.47
C VAL C 111 19.81 -8.08 23.66
N ALA C 112 20.61 -7.41 22.85
CA ALA C 112 22.06 -7.46 23.04
C ALA C 112 22.43 -6.97 24.44
N CYS C 113 21.85 -5.86 24.88
CA CYS C 113 22.05 -5.41 26.25
C CYS C 113 21.62 -6.45 27.25
N GLN C 114 20.37 -6.91 27.14
CA GLN C 114 19.90 -7.97 28.03
C GLN C 114 20.91 -9.12 28.06
N VAL C 115 21.39 -9.54 26.89
CA VAL C 115 22.31 -10.66 26.86
C VAL C 115 23.62 -10.25 27.52
N GLN C 116 24.02 -9.00 27.31
CA GLN C 116 25.26 -8.50 27.85
C GLN C 116 25.23 -8.60 29.37
N GLY C 117 24.04 -8.46 29.94
CA GLY C 117 23.91 -8.50 31.39
C GLY C 117 23.77 -9.91 31.92
N ALA C 118 23.18 -10.79 31.11
CA ALA C 118 22.85 -12.14 31.55
C ALA C 118 24.11 -12.98 31.69
N ILE C 119 25.07 -12.74 30.81
CA ILE C 119 26.31 -13.50 30.79
C ILE C 119 27.44 -12.77 31.49
N GLY C 120 27.24 -11.48 31.77
CA GLY C 120 28.18 -10.74 32.57
C GLY C 120 29.31 -10.09 31.81
N ALA C 121 29.13 -9.95 30.50
CA ALA C 121 30.12 -9.31 29.66
C ALA C 121 30.13 -7.81 29.98
N THR C 122 30.78 -7.46 31.08
CA THR C 122 30.70 -6.11 31.62
C THR C 122 31.50 -5.12 30.78
N GLU C 123 32.38 -5.66 29.93
CA GLU C 123 33.29 -4.82 29.16
C GLU C 123 32.88 -4.68 27.70
N ALA C 124 31.65 -5.07 27.38
CA ALA C 124 31.18 -5.05 25.99
C ALA C 124 30.09 -4.03 25.80
N PHE C 125 30.17 -3.22 24.75
CA PHE C 125 29.00 -2.45 24.36
C PHE C 125 28.11 -3.37 23.55
N ALA C 126 26.81 -3.09 23.53
CA ALA C 126 25.84 -4.00 22.95
C ALA C 126 24.75 -3.25 22.22
N PHE C 127 24.40 -3.70 21.03
CA PHE C 127 23.20 -3.21 20.39
C PHE C 127 22.53 -4.24 19.47
N ASP C 128 21.26 -4.01 19.18
CA ASP C 128 20.54 -4.82 18.20
C ASP C 128 20.71 -4.22 16.83
N ILE C 129 20.59 -5.05 15.80
CA ILE C 129 20.46 -4.55 14.43
C ILE C 129 19.14 -5.01 13.83
N SER C 130 18.49 -4.13 13.09
CA SER C 130 17.26 -4.47 12.37
C SER C 130 17.45 -4.54 10.86
N ALA C 131 17.43 -5.76 10.34
CA ALA C 131 17.53 -5.96 8.91
C ALA C 131 16.83 -7.27 8.52
N ALA C 132 15.71 -7.55 9.16
CA ALA C 132 14.90 -8.71 8.84
C ALA C 132 15.76 -9.98 8.66
N CYS C 133 15.41 -10.79 7.68
CA CYS C 133 16.07 -12.08 7.50
C CYS C 133 17.43 -11.85 6.86
N SER C 134 17.80 -10.58 6.68
CA SER C 134 19.15 -10.24 6.26
C SER C 134 20.02 -9.90 7.47
N GLY C 135 19.43 -10.01 8.65
CA GLY C 135 20.04 -9.49 9.85
C GLY C 135 21.42 -10.03 10.20
N PHE C 136 21.61 -11.34 10.06
CA PHE C 136 22.81 -11.98 10.56
C PHE C 136 24.03 -11.66 9.70
N VAL C 137 23.83 -11.57 8.38
CA VAL C 137 24.93 -11.25 7.47
C VAL C 137 25.30 -9.76 7.58
N TYR C 138 24.29 -8.92 7.77
CA TYR C 138 24.52 -7.51 8.04
C TYR C 138 25.35 -7.33 9.31
N ALA C 139 24.98 -8.04 10.37
CA ALA C 139 25.65 -7.85 11.67
C ALA C 139 27.06 -8.41 11.59
N LEU C 140 27.17 -9.57 10.97
CA LEU C 140 28.46 -10.23 10.81
C LEU C 140 29.39 -9.28 10.05
N SER C 141 28.82 -8.53 9.12
CA SER C 141 29.59 -7.56 8.36
C SER C 141 30.03 -6.41 9.24
N MET C 142 29.16 -5.99 10.14
CA MET C 142 29.46 -4.92 11.07
C MET C 142 30.52 -5.38 12.05
N ALA C 143 30.40 -6.63 12.50
CA ALA C 143 31.33 -7.15 13.47
C ALA C 143 32.73 -7.07 12.88
N GLU C 144 32.82 -7.19 11.56
CA GLU C 144 34.11 -7.19 10.88
C GLU C 144 34.70 -5.79 10.82
N LYS C 145 33.84 -4.77 10.74
CA LYS C 145 34.35 -3.41 10.67
C LYS C 145 34.89 -2.99 12.03
N LEU C 146 34.27 -3.52 13.09
CA LEU C 146 34.67 -3.17 14.44
C LEU C 146 36.04 -3.74 14.76
N VAL C 147 36.33 -4.93 14.24
CA VAL C 147 37.63 -5.55 14.42
C VAL C 147 38.64 -4.95 13.46
N LEU C 148 38.20 -4.65 12.24
CA LEU C 148 39.09 -4.10 11.23
C LEU C 148 39.77 -2.84 11.76
N SER C 149 39.09 -2.13 12.66
CA SER C 149 39.56 -0.82 13.09
C SER C 149 40.66 -0.90 14.15
N GLY C 150 40.83 -2.08 14.73
CA GLY C 150 41.82 -2.24 15.79
C GLY C 150 41.27 -1.95 17.16
N ARG C 151 40.20 -1.16 17.23
CA ARG C 151 39.62 -0.79 18.52
C ARG C 151 39.03 -1.98 19.24
N TYR C 152 38.57 -2.99 18.50
CA TYR C 152 37.93 -4.15 19.13
C TYR C 152 38.39 -5.47 18.50
N GLN C 153 38.72 -6.44 19.34
CA GLN C 153 39.25 -7.71 18.83
C GLN C 153 38.22 -8.84 18.87
N THR C 154 37.34 -8.81 19.86
CA THR C 154 36.49 -9.96 20.13
C THR C 154 35.01 -9.64 20.26
N GLY C 155 34.18 -10.41 19.56
CA GLY C 155 32.75 -10.13 19.57
C GLY C 155 31.88 -11.38 19.57
N LEU C 156 30.67 -11.22 20.12
CA LEU C 156 29.58 -12.18 19.93
C LEU C 156 28.59 -11.63 18.90
N VAL C 157 28.26 -12.42 17.88
CA VAL C 157 27.21 -12.02 16.94
C VAL C 157 26.11 -13.06 16.90
N ILE C 158 24.91 -12.65 17.29
CA ILE C 158 23.81 -13.60 17.47
C ILE C 158 22.56 -13.17 16.74
N GLY C 159 21.99 -14.10 15.98
CA GLY C 159 20.70 -13.86 15.37
C GLY C 159 19.65 -14.62 16.12
N GLY C 160 18.61 -13.94 16.56
CA GLY C 160 17.58 -14.58 17.33
C GLY C 160 16.22 -13.99 17.07
N GLU C 161 15.18 -14.80 17.13
CA GLU C 161 13.86 -14.37 16.75
C GLU C 161 12.77 -15.19 17.45
N THR C 162 11.68 -14.54 17.85
CA THR C 162 10.50 -15.27 18.28
C THR C 162 9.24 -14.81 17.54
N PHE C 163 9.19 -15.08 16.23
CA PHE C 163 8.08 -14.65 15.41
C PHE C 163 6.73 -15.17 15.88
N SER C 164 6.75 -16.24 16.67
CA SER C 164 5.50 -16.88 17.07
C SER C 164 4.56 -15.90 17.74
N LYS C 165 5.10 -14.76 18.18
CA LYS C 165 4.24 -13.78 18.81
C LYS C 165 3.66 -12.77 17.83
N MET C 166 4.13 -12.81 16.59
CA MET C 166 3.71 -11.85 15.58
C MET C 166 2.84 -12.48 14.49
N LEU C 167 2.60 -13.79 14.62
CA LEU C 167 1.87 -14.50 13.59
C LEU C 167 0.38 -14.57 13.91
N ASP C 168 -0.44 -14.58 12.86
CA ASP C 168 -1.85 -14.86 13.02
C ASP C 168 -2.03 -16.37 12.89
N TRP C 169 -2.31 -17.03 14.00
CA TRP C 169 -2.36 -18.48 13.98
C TRP C 169 -3.66 -19.04 13.41
N THR C 170 -4.62 -18.16 13.15
CA THR C 170 -5.82 -18.57 12.45
C THR C 170 -5.60 -18.57 10.93
N ASP C 171 -4.34 -18.49 10.51
CA ASP C 171 -4.00 -18.36 9.09
C ASP C 171 -2.90 -19.33 8.62
N ARG C 172 -3.34 -20.47 8.09
CA ARG C 172 -2.44 -21.53 7.65
C ARG C 172 -1.41 -21.05 6.61
N SER C 173 -1.54 -19.81 6.17
CA SER C 173 -0.71 -19.32 5.08
C SER C 173 0.67 -18.86 5.54
N THR C 174 0.74 -18.26 6.73
CA THR C 174 2.02 -17.76 7.23
C THR C 174 2.36 -18.36 8.58
N ALA C 175 1.35 -18.57 9.42
CA ALA C 175 1.59 -19.02 10.79
C ALA C 175 2.30 -20.36 10.83
N VAL C 176 2.38 -21.05 9.70
CA VAL C 176 3.04 -22.34 9.68
C VAL C 176 4.45 -22.32 9.05
N LEU C 177 4.88 -21.18 8.55
CA LEU C 177 6.21 -21.08 7.94
C LEU C 177 7.30 -20.84 8.98
N PHE C 178 6.91 -20.18 10.07
CA PHE C 178 7.91 -19.63 10.98
C PHE C 178 8.06 -20.44 12.27
N GLY C 179 9.32 -20.59 12.67
CA GLY C 179 9.61 -21.13 13.99
C GLY C 179 10.55 -20.22 14.75
N ASP C 180 10.60 -20.40 16.06
CA ASP C 180 11.49 -19.62 16.93
C ASP C 180 12.88 -20.27 17.03
N GLY C 181 13.84 -19.49 17.52
CA GLY C 181 15.19 -20.01 17.71
C GLY C 181 16.28 -18.94 17.62
N ALA C 182 17.47 -19.30 18.05
CA ALA C 182 18.62 -18.42 17.86
C ALA C 182 19.93 -19.19 17.65
N ALA C 183 20.92 -18.47 17.14
CA ALA C 183 22.24 -19.05 16.91
C ALA C 183 23.20 -17.92 16.58
N GLY C 184 24.49 -18.19 16.71
CA GLY C 184 25.45 -17.15 16.47
C GLY C 184 26.86 -17.68 16.41
N VAL C 185 27.83 -16.77 16.38
CA VAL C 185 29.22 -17.18 16.34
C VAL C 185 30.08 -16.34 17.27
N LEU C 186 31.19 -16.93 17.67
CA LEU C 186 32.24 -16.18 18.36
C LEU C 186 33.08 -15.54 17.27
N ILE C 187 33.40 -14.27 17.42
CA ILE C 187 34.41 -13.70 16.54
C ILE C 187 35.56 -13.01 17.27
N GLU C 188 36.77 -13.36 16.86
CA GLU C 188 37.99 -12.73 17.38
C GLU C 188 38.98 -12.45 16.26
N ALA C 189 39.89 -11.52 16.51
CA ALA C 189 40.83 -11.09 15.49
C ALA C 189 41.95 -12.10 15.26
N ALA C 190 42.54 -12.05 14.06
CA ALA C 190 43.60 -12.97 13.64
C ALA C 190 44.52 -12.28 12.64
N GLU C 191 45.67 -12.88 12.32
CA GLU C 191 46.67 -12.24 11.46
C GLU C 191 46.34 -12.27 9.97
N THR C 192 45.76 -13.38 9.52
CA THR C 192 45.36 -13.53 8.12
C THR C 192 43.88 -13.21 7.93
N PRO C 193 43.53 -12.60 6.79
CA PRO C 193 42.14 -12.31 6.44
C PRO C 193 41.26 -13.53 6.17
N HIS C 194 40.04 -13.48 6.69
CA HIS C 194 39.08 -14.57 6.54
C HIS C 194 37.77 -14.08 5.93
N PHE C 195 37.45 -12.81 6.15
CA PHE C 195 36.33 -12.18 5.48
C PHE C 195 36.87 -11.55 4.21
N LEU C 196 36.55 -12.16 3.08
CA LEU C 196 37.20 -11.84 1.81
C LEU C 196 36.47 -10.74 1.07
N ASN C 197 35.14 -10.75 1.16
CA ASN C 197 34.33 -9.85 0.36
C ASN C 197 32.89 -9.84 0.85
N GLU C 198 32.14 -8.83 0.44
CA GLU C 198 30.76 -8.67 0.88
C GLU C 198 30.01 -7.74 -0.06
N LYS C 199 28.74 -8.05 -0.33
CA LYS C 199 27.84 -7.07 -0.95
C LYS C 199 26.51 -6.99 -0.22
N LEU C 200 26.22 -5.80 0.31
CA LEU C 200 25.00 -5.54 1.06
C LEU C 200 24.10 -4.62 0.24
N GLN C 201 22.84 -4.97 0.14
CA GLN C 201 21.90 -4.20 -0.64
C GLN C 201 20.56 -4.04 0.05
N ALA C 202 19.74 -3.13 -0.47
CA ALA C 202 18.44 -2.84 0.10
C ALA C 202 17.51 -2.32 -0.98
N ASP C 203 16.22 -2.27 -0.66
CA ASP C 203 15.28 -1.61 -1.56
C ASP C 203 14.01 -1.26 -0.82
N GLY C 204 13.99 -0.06 -0.24
CA GLY C 204 12.81 0.37 0.50
C GLY C 204 11.61 0.66 -0.38
N GLN C 205 11.87 0.91 -1.65
CA GLN C 205 10.80 1.17 -2.61
C GLN C 205 9.79 0.02 -2.61
N ARG C 206 10.25 -1.15 -2.17
CA ARG C 206 9.43 -2.34 -2.10
C ARG C 206 9.21 -2.77 -0.66
N TRP C 207 9.18 -1.84 0.26
CA TRP C 207 9.17 -2.21 1.67
C TRP C 207 7.86 -2.78 2.17
N ALA C 208 6.77 -2.57 1.44
CA ALA C 208 5.46 -3.02 1.88
C ALA C 208 5.27 -4.50 1.61
N ALA C 209 6.33 -5.14 1.13
CA ALA C 209 6.24 -6.51 0.64
C ALA C 209 6.26 -7.50 1.78
N LEU C 210 6.67 -7.03 2.96
CA LEU C 210 7.03 -7.93 4.04
C LEU C 210 7.23 -7.08 5.28
N THR C 211 6.23 -7.08 6.16
CA THR C 211 6.11 -6.13 7.26
C THR C 211 5.59 -6.84 8.51
N SER C 212 6.05 -6.38 9.67
CA SER C 212 5.52 -6.86 10.95
C SER C 212 5.87 -5.88 12.06
N GLY C 213 5.07 -5.89 13.11
CA GLY C 213 5.43 -5.17 14.32
C GLY C 213 5.01 -3.71 14.31
N TYR C 214 4.01 -3.38 13.52
CA TYR C 214 3.49 -2.03 13.53
C TYR C 214 3.03 -1.75 14.94
N THR C 215 3.39 -0.58 15.45
CA THR C 215 2.85 -0.13 16.71
C THR C 215 2.02 1.11 16.39
N ILE C 216 0.78 1.10 16.85
CA ILE C 216 -0.16 2.15 16.50
C ILE C 216 -0.03 3.32 17.47
N ASN C 217 0.02 4.54 16.94
CA ASN C 217 0.16 5.71 17.79
C ASN C 217 -1.20 6.04 18.37
N GLU C 218 -1.32 6.00 19.69
CA GLU C 218 -2.58 6.33 20.32
C GLU C 218 -2.48 7.42 21.38
N SER C 219 -1.49 8.30 21.22
CA SER C 219 -1.38 9.49 22.07
C SER C 219 -2.55 10.42 21.80
N PRO C 220 -2.80 11.37 22.71
CA PRO C 220 -3.95 12.26 22.58
C PRO C 220 -3.78 13.28 21.45
N PHE C 221 -2.59 13.33 20.88
CA PHE C 221 -2.29 14.31 19.84
C PHE C 221 -2.39 13.71 18.44
N TYR C 222 -2.35 12.40 18.35
CA TYR C 222 -2.27 11.77 17.04
C TYR C 222 -3.63 11.75 16.35
N GLN C 223 -3.64 12.05 15.05
CA GLN C 223 -4.88 12.20 14.30
C GLN C 223 -4.88 11.47 12.95
N GLY C 224 -3.89 10.64 12.71
CA GLY C 224 -3.93 9.76 11.55
C GLY C 224 -4.87 8.59 11.77
N HIS C 225 -5.24 7.90 10.69
CA HIS C 225 -6.19 6.80 10.78
C HIS C 225 -5.54 5.45 10.51
N LYS C 226 -4.21 5.39 10.63
CA LYS C 226 -3.46 4.20 10.28
C LYS C 226 -3.88 2.99 11.10
N GLN C 227 -3.96 1.84 10.42
CA GLN C 227 -4.47 0.60 11.01
C GLN C 227 -3.35 -0.16 11.73
N ALA C 228 -3.66 -0.64 12.93
CA ALA C 228 -2.65 -1.27 13.78
C ALA C 228 -2.69 -2.79 13.73
N SER C 229 -2.05 -3.37 12.72
CA SER C 229 -1.82 -4.81 12.73
C SER C 229 -0.37 -5.10 13.09
N LYS C 230 -0.15 -5.84 14.17
CA LYS C 230 1.20 -6.23 14.52
C LYS C 230 1.59 -7.52 13.78
N THR C 231 0.58 -8.25 13.30
CA THR C 231 0.81 -9.53 12.67
C THR C 231 1.67 -9.43 11.42
N LEU C 232 2.45 -10.47 11.18
CA LEU C 232 3.32 -10.52 10.00
C LEU C 232 2.45 -10.55 8.75
N GLN C 233 2.94 -9.93 7.69
CA GLN C 233 2.29 -10.01 6.39
C GLN C 233 3.33 -10.11 5.28
N MET C 234 3.12 -11.05 4.36
CA MET C 234 3.98 -11.12 3.20
C MET C 234 3.18 -11.28 1.90
N GLU C 235 3.57 -10.52 0.89
CA GLU C 235 3.17 -10.80 -0.47
C GLU C 235 4.10 -11.86 -1.02
N GLY C 236 3.68 -13.11 -0.90
CA GLY C 236 4.57 -14.22 -1.19
C GLY C 236 5.19 -14.22 -2.57
N ARG C 237 4.37 -14.11 -3.61
CA ARG C 237 4.91 -14.23 -4.96
C ARG C 237 5.97 -13.16 -5.22
N SER C 238 5.71 -11.94 -4.76
CA SER C 238 6.59 -10.81 -5.02
C SER C 238 7.98 -10.98 -4.40
N ILE C 239 8.03 -11.39 -3.12
CA ILE C 239 9.33 -11.59 -2.47
C ILE C 239 10.04 -12.82 -3.02
N PHE C 240 9.27 -13.78 -3.51
CA PHE C 240 9.84 -14.98 -4.12
C PHE C 240 10.64 -14.64 -5.37
N ASP C 241 10.00 -13.94 -6.30
CA ASP C 241 10.65 -13.55 -7.54
C ASP C 241 11.81 -12.61 -7.22
N PHE C 242 11.61 -11.77 -6.21
CA PHE C 242 12.67 -10.90 -5.72
C PHE C 242 13.93 -11.71 -5.34
N ALA C 243 13.76 -12.70 -4.48
CA ALA C 243 14.89 -13.53 -4.05
C ALA C 243 15.60 -14.16 -5.24
N ILE C 244 14.82 -14.79 -6.12
CA ILE C 244 15.40 -15.48 -7.26
C ILE C 244 16.23 -14.50 -8.08
N LYS C 245 15.67 -13.31 -8.34
CA LYS C 245 16.34 -12.35 -9.21
C LYS C 245 17.58 -11.71 -8.57
N ASP C 246 17.38 -10.96 -7.49
CA ASP C 246 18.46 -10.16 -6.92
C ASP C 246 19.46 -10.94 -6.09
N VAL C 247 18.99 -11.92 -5.32
CA VAL C 247 19.91 -12.70 -4.52
C VAL C 247 20.88 -13.40 -5.44
N SER C 248 20.38 -13.92 -6.56
CA SER C 248 21.22 -14.60 -7.53
C SER C 248 22.25 -13.65 -8.10
N GLN C 249 21.81 -12.43 -8.41
CA GLN C 249 22.72 -11.44 -8.94
C GLN C 249 23.77 -11.10 -7.90
N ASN C 250 23.35 -11.03 -6.65
CA ASN C 250 24.25 -10.68 -5.56
C ASN C 250 25.30 -11.78 -5.37
N ILE C 251 24.85 -13.02 -5.18
CA ILE C 251 25.76 -14.15 -5.00
C ILE C 251 26.84 -14.16 -6.07
N LEU C 252 26.44 -13.88 -7.30
CA LEU C 252 27.37 -13.91 -8.44
C LEU C 252 28.33 -12.71 -8.40
N SER C 253 28.03 -11.73 -7.55
CA SER C 253 28.93 -10.60 -7.31
C SER C 253 30.25 -11.08 -6.73
N LEU C 254 30.18 -12.13 -5.91
CA LEU C 254 31.33 -12.57 -5.14
C LEU C 254 31.93 -13.89 -5.60
N VAL C 255 31.12 -14.75 -6.21
CA VAL C 255 31.59 -16.10 -6.56
C VAL C 255 30.96 -16.62 -7.86
N THR C 256 31.69 -17.50 -8.55
CA THR C 256 31.11 -18.43 -9.51
C THR C 256 31.29 -19.83 -8.93
N ASP C 257 30.69 -20.83 -9.58
CA ASP C 257 30.76 -22.18 -9.07
C ASP C 257 32.20 -22.61 -8.85
N GLU C 258 33.11 -22.04 -9.62
CA GLU C 258 34.52 -22.41 -9.54
C GLU C 258 35.16 -22.01 -8.20
N THR C 259 34.76 -20.86 -7.66
CA THR C 259 35.48 -20.27 -6.53
C THR C 259 34.72 -20.33 -5.20
N VAL C 260 33.74 -21.23 -5.10
CA VAL C 260 32.97 -21.38 -3.85
C VAL C 260 32.77 -22.84 -3.48
N ASP C 261 33.04 -23.16 -2.21
CA ASP C 261 32.86 -24.52 -1.71
C ASP C 261 31.44 -24.76 -1.20
N TYR C 262 30.94 -23.86 -0.36
CA TYR C 262 29.61 -24.00 0.22
C TYR C 262 28.88 -22.68 0.35
N LEU C 263 27.56 -22.70 0.17
CA LEU C 263 26.76 -21.52 0.44
C LEU C 263 25.70 -21.85 1.48
N LEU C 264 25.41 -20.87 2.34
CA LEU C 264 24.40 -21.03 3.38
C LEU C 264 23.43 -19.87 3.27
N LEU C 265 22.28 -20.11 2.65
CA LEU C 265 21.30 -19.05 2.44
C LEU C 265 20.26 -19.00 3.53
N HIS C 266 19.58 -17.87 3.62
CA HIS C 266 18.40 -17.79 4.46
C HIS C 266 17.45 -18.94 4.10
N GLN C 267 16.78 -19.52 5.09
CA GLN C 267 15.92 -20.65 4.81
C GLN C 267 14.46 -20.22 4.79
N ALA C 268 14.06 -19.61 3.69
CA ALA C 268 12.69 -19.16 3.49
C ALA C 268 11.87 -20.22 2.76
N ASN C 269 12.49 -20.87 1.78
CA ASN C 269 11.83 -21.94 1.07
C ASN C 269 12.86 -22.64 0.19
N VAL C 270 12.77 -23.96 0.09
CA VAL C 270 13.83 -24.71 -0.56
C VAL C 270 13.78 -24.49 -2.06
N ARG C 271 12.59 -24.23 -2.59
CA ARG C 271 12.46 -23.95 -4.01
C ARG C 271 13.16 -22.65 -4.44
N ILE C 272 13.32 -21.70 -3.51
CA ILE C 272 14.12 -20.51 -3.79
C ILE C 272 15.59 -20.88 -3.98
N ILE C 273 16.06 -21.80 -3.16
CA ILE C 273 17.42 -22.28 -3.31
C ILE C 273 17.61 -23.03 -4.62
N ASP C 274 16.70 -23.94 -4.96
CA ASP C 274 16.79 -24.69 -6.21
C ASP C 274 16.89 -23.76 -7.41
N LYS C 275 15.99 -22.80 -7.48
CA LYS C 275 15.98 -21.84 -8.57
C LYS C 275 17.32 -21.14 -8.59
N ILE C 276 17.73 -20.61 -7.44
CA ILE C 276 18.95 -19.81 -7.41
C ILE C 276 20.16 -20.60 -7.90
N ALA C 277 20.38 -21.79 -7.35
CA ALA C 277 21.52 -22.62 -7.75
C ALA C 277 21.53 -22.75 -9.27
N ARG C 278 20.38 -23.11 -9.82
CA ARG C 278 20.24 -23.29 -11.25
C ARG C 278 20.62 -22.00 -11.99
N LYS C 279 20.05 -20.88 -11.58
CA LYS C 279 20.27 -19.61 -12.24
C LYS C 279 21.70 -19.14 -12.01
N THR C 280 22.22 -19.43 -10.83
CA THR C 280 23.57 -19.02 -10.48
C THR C 280 24.66 -19.86 -11.15
N LYS C 281 24.28 -21.05 -11.63
CA LYS C 281 25.21 -21.98 -12.24
C LYS C 281 26.17 -22.52 -11.20
N ILE C 282 25.74 -22.52 -9.95
CA ILE C 282 26.56 -23.08 -8.87
C ILE C 282 26.00 -24.41 -8.41
N SER C 283 26.89 -25.39 -8.28
CA SER C 283 26.49 -26.76 -8.02
C SER C 283 25.54 -26.81 -6.83
N ARG C 284 24.45 -27.54 -6.99
CA ARG C 284 23.33 -27.49 -6.05
C ARG C 284 23.65 -28.10 -4.70
N GLU C 285 24.59 -29.04 -4.68
CA GLU C 285 24.98 -29.74 -3.46
C GLU C 285 25.62 -28.77 -2.46
N LYS C 286 26.23 -27.72 -2.99
CA LYS C 286 26.92 -26.75 -2.17
C LYS C 286 25.96 -25.89 -1.32
N PHE C 287 24.77 -25.65 -1.84
CA PHE C 287 23.74 -24.95 -1.07
C PHE C 287 23.23 -25.87 0.02
N LEU C 288 23.45 -25.49 1.28
CA LEU C 288 23.05 -26.35 2.39
C LEU C 288 21.63 -26.01 2.78
N THR C 289 21.00 -26.87 3.54
CA THR C 289 19.55 -26.78 3.73
C THR C 289 19.08 -27.48 5.00
N ASN C 290 18.12 -26.89 5.71
CA ASN C 290 17.71 -27.49 6.98
C ASN C 290 16.35 -27.04 7.50
N MET C 291 15.41 -26.83 6.59
CA MET C 291 14.16 -26.17 6.95
C MET C 291 13.17 -27.11 7.63
N ASP C 292 13.39 -28.41 7.44
CA ASP C 292 12.45 -29.45 7.85
C ASP C 292 12.13 -29.43 9.35
N LYS C 293 13.15 -29.42 10.20
CA LYS C 293 12.93 -29.45 11.64
C LYS C 293 12.84 -28.06 12.28
N TYR C 294 13.08 -27.00 11.50
CA TYR C 294 13.18 -25.67 12.10
C TYR C 294 12.18 -24.65 11.56
N GLY C 295 11.80 -24.80 10.30
CA GLY C 295 11.00 -23.78 9.66
C GLY C 295 11.86 -22.57 9.32
N ASN C 296 11.19 -21.46 9.09
CA ASN C 296 11.85 -20.21 8.77
C ASN C 296 12.12 -19.53 10.12
N THR C 297 13.38 -19.51 10.55
CA THR C 297 13.69 -18.92 11.85
C THR C 297 14.30 -17.53 11.69
N SER C 298 14.15 -16.99 10.48
CA SER C 298 14.46 -15.58 10.21
C SER C 298 15.96 -15.24 10.33
N ALA C 299 16.29 -14.34 11.25
CA ALA C 299 17.67 -13.92 11.42
C ALA C 299 18.52 -15.05 11.97
N ALA C 300 17.87 -16.06 12.53
CA ALA C 300 18.58 -17.18 13.13
C ALA C 300 18.83 -18.26 12.08
N SER C 301 18.23 -18.10 10.92
CA SER C 301 18.21 -19.17 9.92
C SER C 301 19.61 -19.59 9.53
N ILE C 302 20.39 -18.64 9.04
CA ILE C 302 21.74 -18.90 8.56
C ILE C 302 22.65 -19.42 9.68
N PRO C 303 22.64 -18.74 10.84
CA PRO C 303 23.50 -19.21 11.93
C PRO C 303 23.18 -20.61 12.43
N ILE C 304 21.90 -20.94 12.54
CA ILE C 304 21.48 -22.27 12.95
C ILE C 304 22.06 -23.30 11.98
N LEU C 305 22.02 -22.96 10.69
CA LEU C 305 22.47 -23.85 9.65
C LEU C 305 23.97 -23.97 9.71
N LEU C 306 24.65 -22.83 9.87
CA LEU C 306 26.10 -22.83 10.01
C LEU C 306 26.50 -23.78 11.12
N ASP C 307 25.75 -23.75 12.22
CA ASP C 307 26.15 -24.51 13.38
C ASP C 307 26.01 -25.99 13.12
N GLU C 308 24.92 -26.38 12.48
CA GLU C 308 24.69 -27.78 12.16
C GLU C 308 25.76 -28.32 11.21
N ALA C 309 26.01 -27.61 10.12
CA ALA C 309 27.03 -28.03 9.17
C ALA C 309 28.37 -28.26 9.85
N VAL C 310 28.62 -27.51 10.93
CA VAL C 310 29.90 -27.58 11.64
C VAL C 310 29.89 -28.71 12.65
N GLU C 311 28.72 -29.01 13.18
CA GLU C 311 28.54 -30.16 14.07
C GLU C 311 28.51 -31.45 13.22
N ASN C 312 27.95 -31.34 12.02
CA ASN C 312 27.94 -32.43 11.03
C ASN C 312 29.35 -32.83 10.66
N GLY C 313 30.25 -31.85 10.61
CA GLY C 313 31.57 -32.10 10.08
C GLY C 313 31.67 -31.65 8.64
N THR C 314 30.58 -31.10 8.12
CA THR C 314 30.52 -30.67 6.73
C THR C 314 31.39 -29.44 6.55
N LEU C 315 31.32 -28.55 7.54
CA LEU C 315 32.20 -27.39 7.56
C LEU C 315 33.18 -27.57 8.70
N ILE C 316 34.42 -27.12 8.46
CA ILE C 316 35.46 -27.19 9.48
C ILE C 316 36.17 -25.86 9.66
N LEU C 317 36.06 -25.29 10.86
CA LEU C 317 36.80 -24.09 11.17
C LEU C 317 38.29 -24.37 11.02
N GLY C 318 39.02 -23.41 10.45
CA GLY C 318 40.42 -23.64 10.15
C GLY C 318 40.65 -24.29 8.80
N SER C 319 39.70 -25.11 8.36
CA SER C 319 39.84 -25.83 7.09
C SER C 319 40.16 -24.92 5.93
N GLN C 320 39.77 -23.65 6.06
CA GLN C 320 39.95 -22.68 4.99
C GLN C 320 39.06 -22.99 3.78
N GLN C 321 37.81 -23.37 4.06
CA GLN C 321 36.81 -23.58 3.02
C GLN C 321 36.23 -22.23 2.54
N ARG C 322 35.96 -22.15 1.24
CA ARG C 322 35.38 -20.96 0.63
C ARG C 322 33.86 -20.99 0.77
N VAL C 323 33.33 -20.26 1.74
CA VAL C 323 31.91 -20.29 2.04
C VAL C 323 31.31 -18.92 1.77
N VAL C 324 30.08 -18.87 1.28
CA VAL C 324 29.34 -17.61 1.32
C VAL C 324 28.04 -17.76 2.13
N LEU C 325 27.71 -16.72 2.88
CA LEU C 325 26.43 -16.67 3.59
C LEU C 325 25.67 -15.53 2.99
N THR C 326 24.44 -15.79 2.55
CA THR C 326 23.63 -14.71 2.02
C THR C 326 22.23 -14.78 2.63
N GLY C 327 21.75 -13.62 3.08
CA GLY C 327 20.39 -13.49 3.59
C GLY C 327 19.53 -12.58 2.73
N PHE C 328 18.22 -12.62 2.97
CA PHE C 328 17.28 -11.77 2.26
C PHE C 328 15.95 -11.71 3.03
N GLY C 329 15.30 -10.55 3.02
CA GLY C 329 14.11 -10.39 3.83
C GLY C 329 13.49 -9.02 3.76
N GLY C 330 12.61 -8.72 4.72
CA GLY C 330 11.96 -7.43 4.76
C GLY C 330 12.94 -6.28 4.58
N GLY C 331 12.42 -5.14 4.18
CA GLY C 331 13.26 -4.00 3.86
C GLY C 331 12.84 -3.29 2.58
N LEU C 332 13.00 -3.95 1.45
CA LEU C 332 13.66 -5.25 1.35
C LEU C 332 15.17 -5.09 1.59
N THR C 333 15.79 -6.19 2.02
CA THR C 333 17.24 -6.25 2.22
C THR C 333 17.78 -7.57 1.72
N TRP C 334 19.01 -7.55 1.26
CA TRP C 334 19.70 -8.79 1.00
C TRP C 334 21.21 -8.56 1.07
N GLY C 335 22.00 -9.62 1.10
CA GLY C 335 23.43 -9.43 1.24
C GLY C 335 24.23 -10.70 1.38
N SER C 336 25.43 -10.69 0.81
CA SER C 336 26.29 -11.85 0.83
C SER C 336 27.65 -11.55 1.43
N LEU C 337 28.17 -12.54 2.15
CA LEU C 337 29.52 -12.49 2.69
C LEU C 337 30.34 -13.63 2.10
N LEU C 338 31.47 -13.30 1.46
CA LEU C 338 32.43 -14.31 1.06
C LEU C 338 33.55 -14.38 2.10
N LEU C 339 33.69 -15.53 2.74
CA LEU C 339 34.69 -15.66 3.77
C LEU C 339 35.31 -17.04 3.80
N THR C 340 36.59 -17.09 4.16
CA THR C 340 37.32 -18.35 4.28
C THR C 340 37.24 -18.83 5.73
N LEU C 341 36.93 -20.12 5.90
CA LEU C 341 36.43 -20.63 7.17
C LEU C 341 37.54 -21.22 8.04
N LYS D 22 43.35 8.05 2.68
CA LYS D 22 42.12 8.87 2.52
C LYS D 22 40.85 8.08 2.88
N ASN D 23 40.81 7.58 4.11
CA ASN D 23 39.73 6.70 4.58
C ASN D 23 39.20 7.16 5.94
N TYR D 24 39.31 8.47 6.20
CA TYR D 24 38.83 9.04 7.44
C TYR D 24 37.46 9.64 7.17
N ALA D 25 36.58 9.54 8.15
CA ALA D 25 35.24 10.09 8.00
C ALA D 25 35.14 11.46 8.63
N ARG D 26 34.11 12.21 8.25
CA ARG D 26 33.88 13.52 8.80
C ARG D 26 32.42 13.91 8.59
N ILE D 27 31.91 14.78 9.45
CA ILE D 27 30.57 15.30 9.29
C ILE D 27 30.61 16.48 8.34
N SER D 28 30.09 16.28 7.14
CA SER D 28 30.11 17.32 6.11
C SER D 28 28.84 18.16 6.09
N CYS D 29 27.75 17.62 6.64
CA CYS D 29 26.48 18.33 6.59
C CYS D 29 25.58 17.90 7.74
N THR D 30 24.72 18.81 8.20
CA THR D 30 23.81 18.50 9.30
C THR D 30 22.40 18.96 8.94
N SER D 31 21.41 18.51 9.72
CA SER D 31 20.03 18.83 9.43
C SER D 31 19.12 18.33 10.53
N ARG D 32 18.04 19.04 10.82
CA ARG D 32 17.05 18.56 11.77
C ARG D 32 15.62 18.75 11.27
N TYR D 33 14.70 17.98 11.82
CA TYR D 33 13.30 18.12 11.49
C TYR D 33 12.47 17.61 12.66
N VAL D 34 11.58 18.46 13.16
CA VAL D 34 10.65 18.07 14.20
C VAL D 34 9.24 18.38 13.69
N PRO D 35 8.23 17.74 14.29
CA PRO D 35 6.84 17.98 13.90
C PRO D 35 6.55 19.47 14.10
N GLU D 36 5.51 19.97 13.43
CA GLU D 36 5.14 21.37 13.51
C GLU D 36 4.23 21.62 14.69
N ASN D 37 3.53 20.57 15.13
CA ASN D 37 2.64 20.69 16.27
C ASN D 37 3.46 20.88 17.53
N CYS D 38 3.37 22.08 18.10
CA CYS D 38 4.08 22.42 19.32
C CYS D 38 3.15 22.28 20.52
N VAL D 39 3.56 21.49 21.50
CA VAL D 39 2.79 21.32 22.73
C VAL D 39 3.51 21.96 23.90
N THR D 40 2.78 22.76 24.66
CA THR D 40 3.37 23.53 25.75
C THR D 40 2.97 22.99 27.12
N ASN D 41 3.66 23.44 28.16
CA ASN D 41 3.34 23.00 29.51
C ASN D 41 1.91 23.39 29.85
N HIS D 42 1.48 24.56 29.37
CA HIS D 42 0.12 25.02 29.62
C HIS D 42 -0.88 23.97 29.19
N GLN D 43 -0.55 23.25 28.11
CA GLN D 43 -1.43 22.23 27.55
C GLN D 43 -1.41 20.96 28.39
N LEU D 44 -0.21 20.52 28.75
CA LEU D 44 -0.06 19.27 29.50
C LEU D 44 -0.45 19.48 30.96
N SER D 45 -0.57 20.74 31.36
CA SER D 45 -1.06 21.07 32.70
C SER D 45 -2.58 20.98 32.76
N GLU D 46 -3.25 21.45 31.71
CA GLU D 46 -4.69 21.27 31.57
C GLU D 46 -4.98 19.82 31.15
N MET D 47 -3.96 18.98 31.24
CA MET D 47 -4.10 17.57 30.88
C MET D 47 -3.90 16.64 32.07
N MET D 48 -3.12 17.10 33.06
CA MET D 48 -2.57 16.19 34.05
C MET D 48 -2.70 16.70 35.49
N ASP D 49 -3.53 17.72 35.68
CA ASP D 49 -3.67 18.38 36.97
C ASP D 49 -2.29 18.80 37.50
N THR D 50 -1.57 19.55 36.68
CA THR D 50 -0.23 20.00 37.04
C THR D 50 -0.05 21.46 36.64
N SER D 51 1.17 21.98 36.80
CA SER D 51 1.42 23.40 36.56
C SER D 51 2.33 23.66 35.36
N ASP D 52 2.65 24.93 35.15
CA ASP D 52 3.53 25.34 34.07
C ASP D 52 4.96 25.38 34.59
N GLU D 53 5.10 25.34 35.91
CA GLU D 53 6.40 25.49 36.55
C GLU D 53 6.78 24.22 37.32
N TRP D 54 5.78 23.39 37.63
CA TRP D 54 6.06 22.08 38.21
C TRP D 54 6.81 21.25 37.16
N ILE D 55 6.39 21.41 35.91
CA ILE D 55 7.08 20.77 34.79
C ILE D 55 8.38 21.51 34.48
N HIS D 56 8.29 22.83 34.35
CA HIS D 56 9.44 23.65 33.96
C HIS D 56 10.62 23.49 34.92
N SER D 57 10.34 23.44 36.22
CA SER D 57 11.39 23.31 37.22
C SER D 57 11.92 21.88 37.22
N ARG D 58 11.00 20.92 37.11
CA ARG D 58 11.35 19.52 37.22
C ARG D 58 12.19 19.01 36.04
N THR D 59 11.99 19.60 34.87
CA THR D 59 12.60 19.09 33.63
C THR D 59 13.59 20.06 32.99
N GLY D 60 13.22 21.34 32.98
CA GLY D 60 13.96 22.30 32.20
C GLY D 60 13.27 22.52 30.87
N ILE D 61 12.04 22.02 30.74
CA ILE D 61 11.31 22.07 29.49
C ILE D 61 10.12 23.04 29.54
N SER D 62 9.91 23.75 28.43
CA SER D 62 8.79 24.67 28.31
C SER D 62 7.80 24.16 27.26
N GLU D 63 8.33 23.45 26.26
CA GLU D 63 7.51 22.92 25.18
C GLU D 63 8.24 21.80 24.44
N ARG D 64 7.47 20.95 23.76
CA ARG D 64 8.00 19.88 22.92
C ARG D 64 7.22 19.87 21.62
N ARG D 65 7.79 19.25 20.59
CA ARG D 65 7.03 18.91 19.39
C ARG D 65 6.42 17.52 19.57
N ILE D 66 5.17 17.35 19.13
CA ILE D 66 4.52 16.05 19.16
C ILE D 66 3.87 15.74 17.81
N VAL D 67 4.20 14.59 17.24
CA VAL D 67 3.71 14.26 15.92
C VAL D 67 2.21 14.04 15.99
N THR D 68 1.51 14.47 14.94
CA THR D 68 0.07 14.28 14.86
C THR D 68 -0.33 13.50 13.61
N GLN D 69 0.57 13.46 12.63
CA GLN D 69 0.30 12.75 11.39
C GLN D 69 1.48 11.92 10.91
N GLU D 70 2.69 12.37 11.23
CA GLU D 70 3.90 11.69 10.80
C GLU D 70 4.40 10.63 11.78
N ASN D 71 5.10 9.62 11.27
CA ASN D 71 5.74 8.61 12.11
C ASN D 71 7.25 8.72 11.95
N THR D 72 8.00 7.86 12.64
CA THR D 72 9.45 8.00 12.69
C THR D 72 10.07 8.07 11.29
N SER D 73 9.64 7.16 10.41
CA SER D 73 10.12 7.18 9.04
C SER D 73 9.89 8.55 8.40
N ASP D 74 8.70 9.10 8.60
CA ASP D 74 8.37 10.42 8.06
C ASP D 74 9.33 11.46 8.61
N LEU D 75 9.54 11.44 9.92
CA LEU D 75 10.51 12.34 10.51
C LEU D 75 11.90 12.16 9.88
N CYS D 76 12.44 10.95 9.97
CA CYS D 76 13.80 10.71 9.49
C CYS D 76 13.91 10.95 7.99
N HIS D 77 12.82 10.71 7.28
CA HIS D 77 12.75 10.98 5.84
C HIS D 77 13.12 12.43 5.55
N GLN D 78 12.46 13.36 6.23
CA GLN D 78 12.75 14.77 6.03
C GLN D 78 14.24 15.04 6.27
N VAL D 79 14.75 14.59 7.41
CA VAL D 79 16.16 14.74 7.70
C VAL D 79 17.00 14.41 6.48
N ALA D 80 16.80 13.23 5.92
CA ALA D 80 17.61 12.79 4.79
C ALA D 80 17.40 13.72 3.60
N LYS D 81 16.13 13.93 3.24
CA LYS D 81 15.80 14.77 2.10
C LYS D 81 16.55 16.10 2.19
N GLN D 82 16.51 16.70 3.37
CA GLN D 82 17.20 17.97 3.61
C GLN D 82 18.70 17.85 3.46
N LEU D 83 19.29 16.87 4.14
CA LEU D 83 20.73 16.62 3.99
C LEU D 83 21.11 16.49 2.52
N LEU D 84 20.20 15.98 1.71
CA LEU D 84 20.45 15.86 0.28
C LEU D 84 20.45 17.22 -0.40
N GLU D 85 19.41 18.01 -0.15
CA GLU D 85 19.36 19.35 -0.71
C GLU D 85 20.55 20.19 -0.24
N LYS D 86 20.68 20.36 1.06
CA LYS D 86 21.70 21.25 1.62
C LYS D 86 23.11 20.89 1.14
N SER D 87 23.37 19.62 0.85
CA SER D 87 24.72 19.19 0.49
C SER D 87 24.90 19.07 -1.02
N GLY D 88 23.79 18.90 -1.74
CA GLY D 88 23.87 18.75 -3.18
C GLY D 88 24.22 17.36 -3.63
N LYS D 89 24.57 16.47 -2.69
CA LYS D 89 24.82 15.08 -3.02
C LYS D 89 23.57 14.48 -3.66
N GLN D 90 23.75 13.50 -4.54
CA GLN D 90 22.62 12.76 -5.10
C GLN D 90 22.39 11.49 -4.29
N ALA D 91 21.17 10.99 -4.30
CA ALA D 91 20.82 9.82 -3.49
C ALA D 91 21.70 8.63 -3.87
N SER D 92 22.03 8.53 -5.15
CA SER D 92 22.79 7.40 -5.65
C SER D 92 24.17 7.35 -5.04
N GLU D 93 24.61 8.51 -4.54
CA GLU D 93 25.95 8.65 -3.97
C GLU D 93 26.02 8.10 -2.54
N ILE D 94 24.86 7.78 -1.98
CA ILE D 94 24.80 7.25 -0.62
C ILE D 94 25.14 5.76 -0.59
N ASP D 95 26.15 5.42 0.20
CA ASP D 95 26.57 4.02 0.31
C ASP D 95 25.75 3.32 1.39
N PHE D 96 25.26 4.09 2.35
CA PHE D 96 24.49 3.50 3.43
C PHE D 96 23.73 4.54 4.24
N ILE D 97 22.63 4.09 4.85
CA ILE D 97 21.79 4.89 5.72
C ILE D 97 21.56 4.09 7.00
N LEU D 98 22.14 4.59 8.10
CA LEU D 98 21.90 4.04 9.43
C LEU D 98 20.91 4.94 10.16
N VAL D 99 19.98 4.32 10.90
CA VAL D 99 19.03 5.08 11.71
C VAL D 99 19.00 4.59 13.16
N ALA D 100 19.23 5.51 14.09
CA ALA D 100 19.08 5.20 15.50
C ALA D 100 17.67 5.58 15.91
N THR D 101 16.90 4.57 16.32
CA THR D 101 15.57 4.81 16.86
C THR D 101 15.19 3.63 17.74
N VAL D 102 14.26 3.86 18.65
CA VAL D 102 13.74 2.77 19.46
C VAL D 102 12.22 2.83 19.36
N THR D 103 11.74 3.61 18.38
CA THR D 103 10.32 3.73 18.05
C THR D 103 10.10 3.54 16.55
N PRO D 104 10.59 2.43 16.00
CA PRO D 104 10.38 2.19 14.56
C PRO D 104 8.90 2.08 14.25
N ASP D 105 8.50 2.48 13.03
CA ASP D 105 7.11 2.29 12.57
C ASP D 105 6.77 0.82 12.66
N PHE D 106 7.58 0.02 11.97
CA PHE D 106 7.49 -1.42 12.06
C PHE D 106 8.80 -1.95 12.66
N ASN D 107 8.76 -3.15 13.20
CA ASN D 107 10.01 -3.88 13.42
C ASN D 107 10.58 -4.27 12.07
N MET D 108 9.69 -4.59 11.13
CA MET D 108 10.06 -4.93 9.76
C MET D 108 9.05 -4.26 8.81
N PRO D 109 9.52 -3.47 7.82
CA PRO D 109 10.90 -3.09 7.50
C PRO D 109 11.48 -2.14 8.54
N SER D 110 12.80 -2.03 8.55
CA SER D 110 13.50 -1.04 9.36
C SER D 110 13.15 0.34 8.84
N VAL D 111 13.32 1.35 9.68
CA VAL D 111 13.07 2.74 9.30
C VAL D 111 14.06 3.19 8.21
N ALA D 112 15.34 2.88 8.42
CA ALA D 112 16.36 3.20 7.44
C ALA D 112 15.94 2.76 6.03
N CYS D 113 15.38 1.55 5.90
CA CYS D 113 14.97 1.04 4.60
C CYS D 113 13.83 1.87 4.02
N GLN D 114 12.94 2.33 4.89
CA GLN D 114 11.85 3.21 4.47
C GLN D 114 12.37 4.57 3.98
N VAL D 115 13.35 5.13 4.70
CA VAL D 115 13.99 6.36 4.26
C VAL D 115 14.71 6.14 2.94
N GLN D 116 15.44 5.03 2.86
CA GLN D 116 16.19 4.66 1.65
C GLN D 116 15.28 4.56 0.43
N GLY D 117 14.04 4.12 0.65
CA GLY D 117 13.09 4.02 -0.43
C GLY D 117 12.43 5.34 -0.79
N ALA D 118 12.11 6.16 0.21
CA ALA D 118 11.45 7.43 -0.03
C ALA D 118 12.35 8.45 -0.74
N ILE D 119 13.67 8.36 -0.53
CA ILE D 119 14.60 9.31 -1.14
C ILE D 119 15.35 8.74 -2.34
N GLY D 120 15.23 7.43 -2.57
CA GLY D 120 15.81 6.84 -3.77
C GLY D 120 17.30 6.55 -3.72
N ALA D 121 17.82 6.35 -2.51
CA ALA D 121 19.22 5.94 -2.32
C ALA D 121 19.35 4.49 -2.73
N THR D 122 19.12 4.23 -4.02
CA THR D 122 19.04 2.87 -4.53
C THR D 122 20.39 2.18 -4.45
N GLU D 123 21.44 2.94 -4.15
CA GLU D 123 22.78 2.39 -4.09
C GLU D 123 23.27 2.17 -2.66
N ALA D 124 22.37 2.32 -1.69
CA ALA D 124 22.77 2.16 -0.31
C ALA D 124 22.16 0.90 0.30
N PHE D 125 22.86 0.31 1.28
CA PHE D 125 22.21 -0.64 2.17
C PHE D 125 21.76 0.11 3.41
N ALA D 126 20.68 -0.32 4.04
CA ALA D 126 20.09 0.42 5.13
C ALA D 126 19.74 -0.49 6.30
N PHE D 127 20.01 -0.04 7.52
CA PHE D 127 19.45 -0.69 8.70
C PHE D 127 19.30 0.22 9.91
N ASP D 128 18.46 -0.20 10.86
CA ASP D 128 18.30 0.51 12.13
C ASP D 128 19.15 -0.16 13.22
N ILE D 129 19.64 0.70 14.12
CA ILE D 129 20.41 0.28 15.29
C ILE D 129 19.54 0.58 16.49
N SER D 130 19.65 -0.25 17.52
CA SER D 130 18.81 -0.10 18.70
C SER D 130 19.66 0.02 19.97
N ALA D 131 19.86 1.26 20.42
CA ALA D 131 20.68 1.55 21.59
C ALA D 131 20.13 2.77 22.31
N ALA D 132 18.81 2.79 22.46
CA ALA D 132 18.10 3.83 23.20
C ALA D 132 18.69 5.21 22.95
N CYS D 133 18.88 5.98 24.03
CA CYS D 133 19.40 7.34 23.96
C CYS D 133 20.90 7.44 23.60
N SER D 134 21.60 6.30 23.56
CA SER D 134 22.98 6.27 23.07
C SER D 134 23.00 5.98 21.57
N GLY D 135 21.83 5.97 20.96
CA GLY D 135 21.70 5.46 19.61
C GLY D 135 22.45 6.22 18.55
N PHE D 136 22.44 7.55 18.61
CA PHE D 136 23.11 8.34 17.58
C PHE D 136 24.62 8.15 17.66
N VAL D 137 25.13 8.09 18.89
CA VAL D 137 26.55 7.95 19.12
C VAL D 137 27.08 6.55 18.77
N TYR D 138 26.31 5.52 19.09
CA TYR D 138 26.62 4.19 18.60
C TYR D 138 26.60 4.16 17.07
N ALA D 139 25.56 4.72 16.48
CA ALA D 139 25.38 4.66 15.04
C ALA D 139 26.47 5.43 14.31
N LEU D 140 26.77 6.64 14.78
CA LEU D 140 27.87 7.42 14.24
C LEU D 140 29.19 6.66 14.34
N SER D 141 29.44 6.06 15.51
CA SER D 141 30.60 5.20 15.67
C SER D 141 30.67 4.15 14.56
N MET D 142 29.58 3.42 14.34
CA MET D 142 29.56 2.35 13.34
C MET D 142 29.82 2.88 11.93
N ALA D 143 29.28 4.06 11.62
CA ALA D 143 29.43 4.63 10.29
C ALA D 143 30.89 4.92 9.97
N GLU D 144 31.62 5.35 11.00
CA GLU D 144 33.03 5.66 10.83
C GLU D 144 33.82 4.37 10.55
N LYS D 145 33.42 3.27 11.17
CA LYS D 145 34.09 1.99 10.89
C LYS D 145 33.84 1.53 9.45
N LEU D 146 32.67 1.87 8.93
CA LEU D 146 32.29 1.52 7.56
C LEU D 146 33.09 2.35 6.57
N VAL D 147 33.24 3.63 6.86
CA VAL D 147 34.13 4.46 6.07
C VAL D 147 35.54 3.93 6.25
N LEU D 148 35.92 3.73 7.50
CA LEU D 148 37.29 3.43 7.85
C LEU D 148 37.78 2.14 7.22
N SER D 149 36.85 1.36 6.65
CA SER D 149 37.22 0.07 6.04
C SER D 149 37.58 0.25 4.58
N GLY D 150 37.07 1.31 3.97
CA GLY D 150 37.43 1.63 2.59
C GLY D 150 36.39 1.23 1.56
N ARG D 151 35.48 0.32 1.93
CA ARG D 151 34.46 -0.13 1.00
C ARG D 151 33.41 0.94 0.75
N TYR D 152 33.21 1.81 1.73
CA TYR D 152 32.17 2.83 1.64
C TYR D 152 32.74 4.22 1.90
N GLN D 153 32.06 5.25 1.41
CA GLN D 153 32.60 6.60 1.50
C GLN D 153 31.54 7.68 1.73
N THR D 154 30.26 7.30 1.65
CA THR D 154 29.19 8.25 1.91
C THR D 154 28.03 7.60 2.64
N GLY D 155 27.65 8.19 3.77
CA GLY D 155 26.56 7.66 4.56
C GLY D 155 25.68 8.71 5.20
N LEU D 156 24.42 8.37 5.42
CA LEU D 156 23.54 9.17 6.26
C LEU D 156 23.42 8.47 7.60
N VAL D 157 23.59 9.21 8.70
CA VAL D 157 23.32 8.67 10.03
C VAL D 157 22.27 9.53 10.72
N ILE D 158 21.14 8.93 11.07
CA ILE D 158 19.98 9.70 11.52
C ILE D 158 19.38 9.16 12.81
N GLY D 159 19.11 10.07 13.75
CA GLY D 159 18.36 9.70 14.94
C GLY D 159 16.94 10.14 14.75
N GLY D 160 15.98 9.30 15.09
CA GLY D 160 14.59 9.63 14.89
C GLY D 160 13.68 8.95 15.89
N GLU D 161 12.74 9.70 16.46
CA GLU D 161 11.93 9.16 17.54
C GLU D 161 10.51 9.71 17.53
N THR D 162 9.53 8.84 17.77
CA THR D 162 8.17 9.28 18.06
C THR D 162 7.73 8.73 19.40
N PHE D 163 8.48 9.07 20.44
CA PHE D 163 8.21 8.54 21.76
C PHE D 163 6.82 8.89 22.25
N SER D 164 6.18 9.87 21.61
CA SER D 164 4.89 10.33 22.09
C SER D 164 3.89 9.17 22.10
N LYS D 165 4.10 8.20 21.22
CA LYS D 165 3.13 7.10 21.10
C LYS D 165 3.41 5.97 22.07
N MET D 166 4.39 6.18 22.94
CA MET D 166 4.86 5.16 23.89
C MET D 166 4.69 5.59 25.33
N LEU D 167 3.98 6.69 25.53
CA LEU D 167 3.85 7.28 26.85
C LEU D 167 2.48 6.99 27.42
N ASP D 168 2.44 6.83 28.74
CA ASP D 168 1.18 6.90 29.48
C ASP D 168 0.89 8.37 29.79
N TRP D 169 0.07 9.00 28.96
CA TRP D 169 -0.14 10.43 29.09
C TRP D 169 -0.98 10.76 30.29
N THR D 170 -1.31 9.72 31.08
CA THR D 170 -2.01 9.91 32.34
C THR D 170 -0.97 10.09 33.44
N ASP D 171 0.24 9.60 33.17
CA ASP D 171 1.33 9.66 34.13
C ASP D 171 2.23 10.84 33.82
N ARG D 172 2.19 11.85 34.67
CA ARG D 172 2.91 13.09 34.39
C ARG D 172 4.39 12.94 34.67
N SER D 173 4.76 11.94 35.47
CA SER D 173 6.16 11.70 35.82
C SER D 173 7.03 11.69 34.57
N THR D 174 6.57 10.97 33.56
CA THR D 174 7.35 10.74 32.35
C THR D 174 6.83 11.54 31.17
N ALA D 175 5.51 11.65 31.07
CA ALA D 175 4.88 12.14 29.85
C ALA D 175 5.15 13.61 29.56
N VAL D 176 5.81 14.31 30.48
CA VAL D 176 6.21 15.69 30.22
C VAL D 176 7.68 15.79 29.84
N LEU D 177 8.37 14.65 29.75
CA LEU D 177 9.80 14.64 29.52
C LEU D 177 10.18 14.58 28.05
N PHE D 178 9.47 13.73 27.30
CA PHE D 178 9.91 13.33 25.98
C PHE D 178 9.25 14.10 24.83
N GLY D 179 10.02 14.33 23.78
CA GLY D 179 9.48 14.95 22.59
C GLY D 179 9.71 14.08 21.37
N ASP D 180 9.17 14.52 20.23
CA ASP D 180 9.38 13.80 18.99
C ASP D 180 10.28 14.65 18.10
N GLY D 181 10.93 14.00 17.14
CA GLY D 181 11.83 14.71 16.25
C GLY D 181 12.96 13.82 15.78
N ALA D 182 13.62 14.24 14.71
CA ALA D 182 14.79 13.51 14.22
C ALA D 182 15.79 14.52 13.72
N ALA D 183 17.02 14.05 13.54
CA ALA D 183 18.07 14.86 12.96
C ALA D 183 19.16 13.89 12.52
N GLY D 184 20.14 14.40 11.80
CA GLY D 184 21.23 13.55 11.39
C GLY D 184 22.41 14.29 10.80
N VAL D 185 23.31 13.53 10.19
CA VAL D 185 24.43 14.12 9.49
C VAL D 185 24.67 13.39 8.17
N LEU D 186 25.35 14.07 7.26
CA LEU D 186 26.01 13.42 6.14
C LEU D 186 27.46 13.17 6.54
N ILE D 187 27.94 11.95 6.33
CA ILE D 187 29.33 11.63 6.68
C ILE D 187 30.03 11.06 5.47
N GLU D 188 31.25 11.50 5.22
CA GLU D 188 32.01 11.00 4.08
C GLU D 188 33.50 10.92 4.30
N ALA D 189 34.14 10.07 3.49
CA ALA D 189 35.57 9.84 3.58
C ALA D 189 36.33 11.14 3.29
N ALA D 190 37.44 11.33 3.99
CA ALA D 190 38.24 12.55 3.88
C ALA D 190 39.73 12.21 4.02
N GLU D 191 40.58 13.11 3.53
CA GLU D 191 42.02 12.83 3.52
C GLU D 191 42.64 13.00 4.89
N THR D 192 41.96 13.70 5.78
CA THR D 192 42.47 13.96 7.13
C THR D 192 41.50 13.45 8.21
N PRO D 193 42.05 12.86 9.28
CA PRO D 193 41.23 12.29 10.37
C PRO D 193 40.42 13.33 11.13
N HIS D 194 39.20 12.96 11.50
CA HIS D 194 38.34 13.82 12.31
C HIS D 194 37.84 13.09 13.56
N PHE D 195 37.49 11.82 13.40
CA PHE D 195 37.09 10.99 14.53
C PHE D 195 38.31 10.53 15.32
N LEU D 196 38.55 11.14 16.47
CA LEU D 196 39.82 10.98 17.17
C LEU D 196 39.83 9.82 18.15
N ASN D 197 38.83 9.76 19.04
CA ASN D 197 38.72 8.63 19.95
C ASN D 197 37.28 8.38 20.40
N GLU D 198 37.07 7.26 21.07
CA GLU D 198 35.73 6.88 21.49
C GLU D 198 35.80 5.82 22.59
N LYS D 199 34.72 5.68 23.31
CA LYS D 199 34.56 4.60 24.26
C LYS D 199 33.05 4.35 24.38
N LEU D 200 32.65 3.10 24.15
CA LEU D 200 31.25 2.74 24.13
C LEU D 200 31.03 1.72 25.22
N GLN D 201 29.92 1.84 25.94
CA GLN D 201 29.70 0.99 27.10
C GLN D 201 28.23 0.61 27.29
N ALA D 202 28.00 -0.40 28.13
CA ALA D 202 26.64 -0.77 28.51
C ALA D 202 26.65 -1.58 29.79
N ASP D 203 25.48 -1.70 30.41
CA ASP D 203 25.32 -2.50 31.62
C ASP D 203 23.91 -3.08 31.61
N GLY D 204 23.78 -4.25 30.99
CA GLY D 204 22.48 -4.91 30.93
C GLY D 204 22.04 -5.38 32.30
N GLN D 205 22.98 -5.41 33.23
CA GLN D 205 22.68 -5.82 34.58
C GLN D 205 21.84 -4.77 35.28
N ARG D 206 21.57 -3.66 34.59
CA ARG D 206 20.58 -2.71 35.04
C ARG D 206 19.49 -2.47 34.00
N TRP D 207 19.25 -3.42 33.10
CA TRP D 207 18.32 -3.15 31.99
C TRP D 207 16.91 -2.83 32.48
N ALA D 208 16.47 -3.48 33.55
CA ALA D 208 15.09 -3.33 34.03
C ALA D 208 14.72 -1.87 34.35
N ALA D 209 15.73 -1.02 34.44
CA ALA D 209 15.57 0.33 34.99
C ALA D 209 15.18 1.38 33.96
N LEU D 210 14.93 0.97 32.73
CA LEU D 210 14.48 1.90 31.69
C LEU D 210 14.05 1.14 30.43
N THR D 211 12.74 1.07 30.22
CA THR D 211 12.18 0.11 29.26
C THR D 211 11.01 0.66 28.46
N SER D 212 10.86 0.19 27.23
CA SER D 212 9.68 0.51 26.43
C SER D 212 9.54 -0.45 25.27
N GLY D 213 8.32 -0.57 24.77
CA GLY D 213 8.09 -1.31 23.55
C GLY D 213 8.01 -2.81 23.75
N TYR D 214 7.70 -3.24 24.97
CA TYR D 214 7.53 -4.67 25.20
C TYR D 214 6.34 -5.14 24.36
N THR D 215 6.53 -6.24 23.65
CA THR D 215 5.43 -6.83 22.91
C THR D 215 5.02 -8.16 23.49
N ILE D 216 3.72 -8.28 23.80
CA ILE D 216 3.18 -9.47 24.46
C ILE D 216 3.20 -10.62 23.49
N ASN D 217 3.59 -11.79 23.99
CA ASN D 217 3.46 -13.01 23.21
C ASN D 217 2.08 -13.57 23.45
N GLU D 218 1.16 -13.38 22.51
CA GLU D 218 -0.14 -14.02 22.66
C GLU D 218 -0.39 -15.12 21.65
N SER D 219 0.68 -15.85 21.34
CA SER D 219 0.54 -17.09 20.60
C SER D 219 -0.21 -18.08 21.47
N PRO D 220 -0.95 -19.01 20.86
CA PRO D 220 -1.60 -20.11 21.58
C PRO D 220 -0.62 -20.98 22.38
N PHE D 221 0.68 -20.77 22.19
CA PHE D 221 1.68 -21.60 22.83
C PHE D 221 2.27 -20.98 24.09
N TYR D 222 2.04 -19.68 24.26
CA TYR D 222 2.57 -18.98 25.43
C TYR D 222 1.83 -19.36 26.70
N GLN D 223 2.56 -19.99 27.60
CA GLN D 223 1.98 -20.40 28.87
C GLN D 223 2.73 -19.74 30.01
N GLY D 224 3.62 -18.80 29.67
CA GLY D 224 4.22 -17.96 30.70
C GLY D 224 3.12 -17.08 31.28
N HIS D 225 3.47 -15.91 31.81
CA HIS D 225 2.45 -14.96 32.18
C HIS D 225 2.87 -13.51 32.04
N LYS D 226 3.82 -13.26 31.14
CA LYS D 226 4.34 -11.91 30.93
C LYS D 226 3.31 -10.96 30.32
N GLN D 227 2.85 -10.03 31.15
CA GLN D 227 2.00 -8.92 30.74
C GLN D 227 2.89 -7.66 30.76
N ALA D 228 2.51 -6.57 30.10
CA ALA D 228 1.44 -6.51 29.11
C ALA D 228 1.42 -5.11 28.53
N SER D 229 2.51 -4.35 28.68
CA SER D 229 2.44 -2.95 28.29
C SER D 229 3.68 -2.35 27.63
N LYS D 230 3.43 -1.69 26.49
CA LYS D 230 4.47 -1.07 25.69
C LYS D 230 4.92 0.26 26.27
N THR D 231 4.20 0.77 27.27
CA THR D 231 4.44 2.12 27.74
C THR D 231 5.74 2.22 28.51
N LEU D 232 6.44 3.34 28.32
CA LEU D 232 7.73 3.56 28.96
C LEU D 232 7.61 3.57 30.46
N GLN D 233 8.55 2.92 31.13
CA GLN D 233 8.68 3.01 32.57
C GLN D 233 10.14 3.30 32.88
N MET D 234 10.38 4.28 33.73
CA MET D 234 11.74 4.57 34.13
C MET D 234 11.85 4.65 35.64
N GLU D 235 12.97 4.18 36.16
CA GLU D 235 13.34 4.41 37.55
C GLU D 235 14.25 5.62 37.59
N GLY D 236 13.68 6.77 37.90
CA GLY D 236 14.41 8.01 37.79
C GLY D 236 15.67 8.06 38.64
N ARG D 237 15.57 7.58 39.87
CA ARG D 237 16.70 7.59 40.79
C ARG D 237 17.84 6.73 40.28
N SER D 238 17.49 5.57 39.76
CA SER D 238 18.50 4.64 39.29
C SER D 238 19.21 5.22 38.08
N ILE D 239 18.44 5.77 37.16
CA ILE D 239 19.06 6.23 35.94
C ILE D 239 19.62 7.64 36.08
N PHE D 240 19.26 8.33 37.16
CA PHE D 240 19.85 9.65 37.44
C PHE D 240 21.27 9.52 37.97
N ASP D 241 21.43 8.71 39.01
CA ASP D 241 22.72 8.47 39.62
C ASP D 241 23.67 7.82 38.63
N PHE D 242 23.18 6.77 37.98
CA PHE D 242 23.90 6.12 36.90
C PHE D 242 24.54 7.14 35.95
N ALA D 243 23.73 8.06 35.43
CA ALA D 243 24.23 9.03 34.46
C ALA D 243 25.34 9.85 35.07
N ILE D 244 25.10 10.35 36.28
CA ILE D 244 26.06 11.21 36.93
C ILE D 244 27.41 10.51 37.15
N LYS D 245 27.40 9.31 37.71
CA LYS D 245 28.66 8.57 37.89
C LYS D 245 29.30 8.16 36.57
N ASP D 246 28.64 7.27 35.83
CA ASP D 246 29.27 6.61 34.69
C ASP D 246 29.60 7.54 33.52
N VAL D 247 28.68 8.43 33.18
CA VAL D 247 28.88 9.33 32.04
C VAL D 247 30.06 10.25 32.30
N SER D 248 30.19 10.69 33.55
CA SER D 248 31.31 11.54 33.96
C SER D 248 32.63 10.82 33.72
N GLN D 249 32.73 9.58 34.20
CA GLN D 249 33.94 8.81 33.99
C GLN D 249 34.19 8.72 32.51
N ASN D 250 33.14 8.38 31.77
CA ASN D 250 33.24 8.19 30.33
C ASN D 250 33.88 9.40 29.65
N ILE D 251 33.30 10.58 29.87
CA ILE D 251 33.79 11.78 29.23
C ILE D 251 35.23 12.06 29.64
N LEU D 252 35.59 11.69 30.85
CA LEU D 252 36.95 11.94 31.34
C LEU D 252 37.93 10.96 30.72
N SER D 253 37.39 9.90 30.12
CA SER D 253 38.22 8.93 29.42
C SER D 253 38.78 9.50 28.13
N LEU D 254 38.10 10.50 27.58
CA LEU D 254 38.48 11.00 26.27
C LEU D 254 39.17 12.36 26.33
N VAL D 255 38.65 13.29 27.12
CA VAL D 255 39.19 14.65 27.18
C VAL D 255 39.35 15.19 28.61
N THR D 256 39.75 16.46 28.69
CA THR D 256 39.66 17.26 29.90
C THR D 256 39.37 18.69 29.45
N ASP D 257 39.30 19.63 30.38
CA ASP D 257 38.90 20.99 30.03
C ASP D 257 39.91 21.61 29.07
N GLU D 258 41.17 21.23 29.23
CA GLU D 258 42.25 21.76 28.41
C GLU D 258 42.17 21.24 26.97
N THR D 259 41.48 20.12 26.78
CA THR D 259 41.54 19.41 25.49
C THR D 259 40.20 19.27 24.74
N VAL D 260 39.17 20.02 25.13
CA VAL D 260 37.91 20.00 24.39
C VAL D 260 37.28 21.39 24.36
N ASP D 261 36.45 21.66 23.36
CA ASP D 261 35.90 23.00 23.18
C ASP D 261 34.37 23.10 23.38
N TYR D 262 33.64 22.03 23.04
CA TYR D 262 32.21 21.92 23.36
C TYR D 262 31.82 20.45 23.56
N LEU D 263 30.72 20.23 24.28
CA LEU D 263 30.22 18.87 24.48
C LEU D 263 28.74 18.81 24.19
N LEU D 264 28.35 17.91 23.28
CA LEU D 264 26.94 17.70 23.01
C LEU D 264 26.51 16.46 23.75
N LEU D 265 25.79 16.63 24.85
CA LEU D 265 25.29 15.51 25.62
C LEU D 265 23.83 15.25 25.31
N HIS D 266 23.44 13.98 25.37
CA HIS D 266 22.04 13.62 25.33
C HIS D 266 21.23 14.50 26.27
N GLN D 267 20.08 14.97 25.81
CA GLN D 267 19.30 15.95 26.57
C GLN D 267 18.34 15.30 27.56
N ALA D 268 18.88 14.44 28.42
CA ALA D 268 18.09 13.76 29.45
C ALA D 268 17.43 14.74 30.42
N ASN D 269 18.22 15.71 30.87
CA ASN D 269 17.80 16.64 31.92
C ASN D 269 18.96 17.58 32.24
N VAL D 270 18.75 18.87 31.96
CA VAL D 270 19.80 19.88 32.08
C VAL D 270 20.47 19.89 33.45
N ARG D 271 19.68 19.56 34.47
CA ARG D 271 20.19 19.40 35.83
C ARG D 271 21.26 18.31 35.85
N ILE D 272 21.16 17.35 34.94
CA ILE D 272 22.15 16.27 34.83
C ILE D 272 23.43 16.78 34.18
N ILE D 273 23.27 17.64 33.17
CA ILE D 273 24.41 18.20 32.46
C ILE D 273 25.21 19.10 33.37
N ASP D 274 24.56 19.63 34.40
CA ASP D 274 25.24 20.40 35.43
C ASP D 274 26.10 19.55 36.35
N LYS D 275 25.52 18.52 36.95
CA LYS D 275 26.27 17.67 37.85
C LYS D 275 27.48 17.06 37.15
N ILE D 276 27.33 16.72 35.88
CA ILE D 276 28.46 16.17 35.14
C ILE D 276 29.49 17.26 34.85
N ALA D 277 29.00 18.39 34.36
CA ALA D 277 29.85 19.54 34.07
C ALA D 277 30.82 19.78 35.22
N ARG D 278 30.28 19.85 36.42
CA ARG D 278 31.07 20.20 37.58
C ARG D 278 32.00 19.06 37.95
N LYS D 279 31.46 17.85 38.04
CA LYS D 279 32.26 16.70 38.48
C LYS D 279 33.43 16.47 37.52
N THR D 280 33.22 16.84 36.27
CA THR D 280 34.20 16.57 35.23
C THR D 280 35.25 17.67 35.14
N LYS D 281 35.00 18.76 35.88
CA LYS D 281 35.93 19.89 35.97
C LYS D 281 36.05 20.58 34.62
N ILE D 282 35.01 20.41 33.79
CA ILE D 282 34.98 20.99 32.47
C ILE D 282 34.08 22.23 32.42
N SER D 283 34.64 23.32 31.90
CA SER D 283 33.90 24.57 31.75
C SER D 283 32.45 24.30 31.32
N ARG D 284 31.49 24.77 32.12
CA ARG D 284 30.08 24.53 31.87
C ARG D 284 29.55 25.21 30.58
N GLU D 285 30.22 26.27 30.16
CA GLU D 285 29.79 26.99 28.96
C GLU D 285 29.88 26.04 27.77
N LYS D 286 30.77 25.06 27.88
CA LYS D 286 31.08 24.18 26.77
C LYS D 286 29.98 23.17 26.51
N PHE D 287 29.31 22.72 27.58
CA PHE D 287 28.14 21.87 27.43
C PHE D 287 26.99 22.66 26.83
N LEU D 288 26.49 22.20 25.69
CA LEU D 288 25.35 22.86 25.03
C LEU D 288 24.02 22.26 25.48
N THR D 289 22.99 23.09 25.55
CA THR D 289 21.69 22.67 26.03
C THR D 289 20.59 23.07 25.05
N ASN D 290 19.43 22.45 25.16
CA ASN D 290 18.49 22.44 24.05
C ASN D 290 17.04 22.22 24.47
N MET D 291 16.86 21.44 25.53
CA MET D 291 15.58 20.76 25.76
C MET D 291 14.42 21.67 26.10
N ASP D 292 14.73 22.90 26.47
CA ASP D 292 13.68 23.85 26.81
C ASP D 292 12.65 23.91 25.68
N LYS D 293 13.13 23.76 24.44
CA LYS D 293 12.26 23.86 23.28
C LYS D 293 11.77 22.49 22.76
N TYR D 294 12.60 21.46 22.91
CA TYR D 294 12.34 20.19 22.26
C TYR D 294 12.03 19.08 23.26
N GLY D 295 12.47 19.28 24.50
CA GLY D 295 12.34 18.24 25.50
C GLY D 295 13.37 17.17 25.28
N ASN D 296 13.07 15.95 25.71
CA ASN D 296 13.96 14.82 25.49
C ASN D 296 13.49 14.04 24.27
N THR D 297 14.27 14.11 23.19
CA THR D 297 13.94 13.39 21.95
C THR D 297 14.86 12.18 21.74
N SER D 298 15.38 11.65 22.85
CA SER D 298 16.11 10.40 22.82
C SER D 298 17.24 10.47 21.78
N ALA D 299 17.31 9.45 20.94
CA ALA D 299 18.37 9.32 19.94
C ALA D 299 18.55 10.56 19.07
N ALA D 300 17.53 11.41 19.02
CA ALA D 300 17.58 12.59 18.17
C ALA D 300 18.22 13.76 18.89
N SER D 301 18.30 13.68 20.22
CA SER D 301 18.67 14.84 21.03
C SER D 301 20.01 15.45 20.63
N ILE D 302 21.03 14.62 20.45
CA ILE D 302 22.36 15.12 20.15
C ILE D 302 22.49 15.77 18.76
N PRO D 303 22.03 15.08 17.69
CA PRO D 303 22.12 15.68 16.36
C PRO D 303 21.24 16.91 16.14
N ILE D 304 20.07 16.97 16.80
CA ILE D 304 19.18 18.13 16.70
C ILE D 304 19.89 19.36 17.31
N LEU D 305 20.53 19.13 18.45
CA LEU D 305 21.35 20.10 19.11
C LEU D 305 22.43 20.51 18.12
N LEU D 306 23.13 19.51 17.58
CA LEU D 306 24.24 19.73 16.68
C LEU D 306 23.83 20.61 15.50
N ASP D 307 22.68 20.32 14.91
CA ASP D 307 22.21 21.08 13.78
C ASP D 307 21.91 22.53 14.14
N GLU D 308 21.68 22.78 15.43
CA GLU D 308 21.45 24.15 15.91
C GLU D 308 22.76 24.87 16.18
N ALA D 309 23.72 24.15 16.76
CA ALA D 309 25.04 24.72 17.01
C ALA D 309 25.67 25.17 15.70
N VAL D 310 25.42 24.41 14.64
CA VAL D 310 25.95 24.75 13.33
C VAL D 310 25.15 25.85 12.67
N GLU D 311 23.84 25.86 12.89
CA GLU D 311 22.96 26.85 12.27
C GLU D 311 23.20 28.22 12.90
N ASN D 312 23.53 28.22 14.18
CA ASN D 312 23.80 29.43 14.94
C ASN D 312 25.15 30.01 14.57
N GLY D 313 26.14 29.13 14.45
CA GLY D 313 27.50 29.58 14.29
C GLY D 313 28.33 29.25 15.51
N THR D 314 27.70 28.60 16.49
CA THR D 314 28.44 28.13 17.66
C THR D 314 29.43 27.07 17.24
N LEU D 315 29.04 26.26 16.27
CA LEU D 315 29.91 25.22 15.73
C LEU D 315 30.11 25.43 14.24
N ILE D 316 31.28 25.05 13.75
CA ILE D 316 31.65 25.29 12.36
C ILE D 316 32.32 24.06 11.75
N LEU D 317 31.74 23.56 10.67
CA LEU D 317 32.35 22.45 9.95
C LEU D 317 33.60 22.98 9.24
N GLY D 318 34.73 22.32 9.48
CA GLY D 318 35.99 22.78 8.92
C GLY D 318 36.80 23.50 9.98
N SER D 319 36.15 23.89 11.06
CA SER D 319 36.80 24.70 12.09
C SER D 319 37.87 23.93 12.86
N GLN D 320 37.72 22.61 12.92
CA GLN D 320 38.66 21.79 13.68
C GLN D 320 38.50 21.90 15.19
N GLN D 321 37.35 22.39 15.64
CA GLN D 321 37.05 22.45 17.07
C GLN D 321 37.08 21.04 17.64
N ARG D 322 37.64 20.91 18.84
CA ARG D 322 37.56 19.65 19.56
C ARG D 322 36.13 19.52 20.10
N VAL D 323 35.37 18.56 19.56
CA VAL D 323 34.01 18.29 20.00
C VAL D 323 33.85 16.87 20.54
N VAL D 324 33.15 16.72 21.65
CA VAL D 324 32.78 15.40 22.13
C VAL D 324 31.25 15.18 22.21
N LEU D 325 30.80 14.04 21.69
CA LEU D 325 29.38 13.71 21.70
C LEU D 325 29.21 12.53 22.63
N THR D 326 28.37 12.67 23.64
CA THR D 326 28.21 11.57 24.58
C THR D 326 26.74 11.34 24.84
N GLY D 327 26.32 10.09 24.72
CA GLY D 327 24.93 9.74 24.98
C GLY D 327 24.79 8.65 26.03
N PHE D 328 23.61 8.61 26.63
CA PHE D 328 23.31 7.57 27.60
C PHE D 328 21.80 7.35 27.61
N GLY D 329 21.40 6.11 27.89
CA GLY D 329 20.00 5.78 27.86
C GLY D 329 19.77 4.35 28.33
N GLY D 330 18.56 3.84 28.10
CA GLY D 330 18.26 2.49 28.52
C GLY D 330 19.23 1.49 27.95
N GLY D 331 19.28 0.32 28.55
CA GLY D 331 20.19 -0.70 28.07
C GLY D 331 20.73 -1.54 29.21
N LEU D 332 21.41 -0.92 30.16
CA LEU D 332 21.77 0.50 30.11
C LEU D 332 22.89 0.68 29.10
N THR D 333 22.99 1.88 28.55
CA THR D 333 24.09 2.21 27.62
C THR D 333 24.62 3.62 27.76
N TRP D 334 25.86 3.81 27.35
CA TRP D 334 26.42 5.14 27.21
C TRP D 334 27.67 5.10 26.35
N GLY D 335 28.06 6.25 25.80
CA GLY D 335 29.27 6.32 25.00
C GLY D 335 29.63 7.71 24.52
N SER D 336 30.91 7.90 24.21
CA SER D 336 31.41 9.18 23.74
C SER D 336 32.34 9.06 22.54
N LEU D 337 32.23 10.03 21.63
CA LEU D 337 33.17 10.20 20.54
C LEU D 337 33.86 11.57 20.67
N LEU D 338 35.18 11.58 20.67
CA LEU D 338 35.92 12.83 20.52
C LEU D 338 36.22 13.04 19.05
N LEU D 339 35.71 14.13 18.47
CA LEU D 339 35.90 14.39 17.05
C LEU D 339 36.18 15.84 16.70
N THR D 340 37.22 16.06 15.88
CA THR D 340 37.47 17.37 15.31
C THR D 340 36.53 17.67 14.14
N LEU D 341 35.97 18.87 14.17
CA LEU D 341 34.76 19.22 13.42
C LEU D 341 35.08 20.05 12.17
#